data_5W42
#
_entry.id   5W42
#
_cell.length_a   194.622
_cell.length_b   194.622
_cell.length_c   194.622
_cell.angle_alpha   90.00
_cell.angle_beta   90.00
_cell.angle_gamma   90.00
#
_symmetry.space_group_name_H-M   'P 21 3'
#
loop_
_entity.id
_entity.type
_entity.pdbx_description
1 polymer Hemagglutinin
2 polymer Hemagglutinin
3 polymer 'Fab H3v-47 heavy chain'
4 polymer 'Fab H3v-47 light chain'
5 branched alpha-D-mannopyranose-(1-3)-[alpha-D-mannopyranose-(1-6)]beta-D-mannopyranose-(1-4)-2-acetamido-2-deoxy-beta-D-glucopyranose-(1-4)-2-acetamido-2-deoxy-beta-D-glucopyranose
6 branched alpha-D-mannopyranose-(1-3)-beta-D-mannopyranose-(1-4)-2-acetamido-2-deoxy-beta-D-glucopyranose-(1-4)-2-acetamido-2-deoxy-beta-D-glucopyranose
7 branched alpha-D-mannopyranose-(1-2)-alpha-D-mannopyranose-(1-3)-[alpha-D-mannopyranose-(1-6)]alpha-D-mannopyranose-(1-4)-2-acetamido-2-deoxy-beta-D-glucopyranose-(1-4)-2-acetamido-2-deoxy-beta-D-glucopyranose
8 branched beta-D-mannopyranose-(1-4)-2-acetamido-2-deoxy-beta-D-glucopyranose-(1-4)-2-acetamido-2-deoxy-beta-D-glucopyranose
9 branched 2-acetamido-2-deoxy-beta-D-glucopyranose-(1-4)-2-acetamido-2-deoxy-beta-D-glucopyranose
10 non-polymer 2-acetamido-2-deoxy-beta-D-glucopyranose
11 non-polymer 'ZINC ION'
#
loop_
_entity_poly.entity_id
_entity_poly.type
_entity_poly.pdbx_seq_one_letter_code
_entity_poly.pdbx_strand_id
1 'polypeptide(L)'
;QKLPGSDNSMATLCLGHHAVPNGTLVKTITDDQIEVTNATELVQSSSTGRICNSPHQILDGKNCTLIDALLGDPHCDDFQ
NKEWDLFVERSTAYSNCYPYYVPDYATLRSLVASSGNLEFTQESFNWTGVAQDGSSYACRRGSVNSFFSRLNWLYNLNYK
YPEQNVTMPNNDKFDKLYIWGVHHPGTDKDQTNLYVQASGRVIVSTKRSQQTVIPNIGSRPWVRGVSSIISIYWTIVKPG
DILLINSTGNLIAPRGYFKIQSGKSSIMRSDAHIDECNSECITPNGSIPNDKPFQNVNKITYGACPRYVKQNTLKLATGM
RNVPEKQTR
;
A
2 'polypeptide(L)'
;GIFGAIAGFIENGWEGMVDGWYGFRHQNSEGTGQAADLKSTQAAINQITGKLNRVIKKTNEKFHQIEKEFSEVEGRIQDL
EKYVEDTKIDLWSYNAELLVALENQHTIDLTDSEMSKLFERTRRQLRENAEDMGNGCFKIYHKCDNACIGSIRNGTYDHD
IYRNEALNNRFQIK
;
B
3 'polypeptide(L)'
;QVQLVQSGAEVKKPGSSVRVSCKASGDTFSSYSITWVRQAPGHGLQWMGGIFPIFGSTNYAQKFDDRLTITTDDSSRTVY
MELTSLRLEDTAVYYCARGASKVEPAAPAYSDAFDMWGQGTLVTVSSASTKGPSVFPLAPSSKSTSGGTAALGCLVKDYF
PEPVTVSWNSGALTSGVHTFPAVLQSSGLYSLSSVVTVPSSSLGTQTYICNVNHKPSNTKVDKRVEPKSCHHHHHH
;
H
4 'polypeptide(L)'
;DIVMTQSPGTLSLSPGERATLSCRTSQGVSSSYLAWYQQKPGQAPRLLISGSSSRATGIPDRFSGSGSGRDFTLTISRLE
PEDSAVYYCQQYATSPTFGQGTRVEIKRTVAAPSVFIFPPSDEQLKSGTASVVCLLNNFYPREAKVQWKVDNALQSGNSQ
ESVTEQDSKDSTYSLSSTLTLSKADYEKHKVYACEVTHQGLSSPVTKSFNRGEC
;
L
#
# COMPACT_ATOMS: atom_id res chain seq x y z
N ASN A 8 -3.66 76.51 -31.72
CA ASN A 8 -3.26 76.05 -33.04
C ASN A 8 -4.36 75.27 -33.74
N SER A 9 -5.47 75.04 -33.03
CA SER A 9 -6.61 74.27 -33.51
C SER A 9 -6.25 72.87 -34.04
N MET A 10 -5.27 72.22 -33.42
CA MET A 10 -4.82 70.89 -33.82
C MET A 10 -4.40 70.02 -32.62
N ALA A 11 -4.19 68.73 -32.87
CA ALA A 11 -3.71 67.78 -31.87
C ALA A 11 -3.00 66.61 -32.55
N THR A 12 -2.38 65.72 -31.78
CA THR A 12 -1.73 64.57 -32.41
C THR A 12 -1.91 63.29 -31.58
N LEU A 13 -2.06 62.16 -32.30
CA LEU A 13 -2.31 60.86 -31.68
C LEU A 13 -1.46 59.74 -32.25
N CYS A 14 -0.68 59.11 -31.39
CA CYS A 14 0.20 58.03 -31.80
C CYS A 14 -0.26 56.66 -31.30
N LEU A 15 -0.10 55.67 -32.16
CA LEU A 15 -0.46 54.30 -31.83
C LEU A 15 0.78 53.45 -31.82
N GLY A 16 0.80 52.47 -30.93
CA GLY A 16 1.98 51.63 -30.88
C GLY A 16 1.84 50.42 -29.99
N HIS A 17 2.95 49.72 -29.85
CA HIS A 17 3.01 48.49 -29.11
C HIS A 17 4.06 48.62 -28.05
N HIS A 18 4.08 47.69 -27.11
CA HIS A 18 5.04 47.76 -26.01
C HIS A 18 6.36 47.09 -26.35
N ALA A 19 7.31 47.26 -25.45
CA ALA A 19 8.59 46.59 -25.57
C ALA A 19 9.13 46.26 -24.20
N VAL A 20 10.19 45.47 -24.19
CA VAL A 20 10.86 45.07 -22.97
C VAL A 20 12.34 45.46 -23.09
N PRO A 21 12.97 45.91 -22.00
CA PRO A 21 14.38 46.26 -21.88
C PRO A 21 15.24 45.09 -22.31
N ASN A 22 15.22 43.93 -21.92
CA ASN A 22 15.76 42.61 -22.17
C ASN A 22 14.92 41.95 -23.24
N GLY A 23 15.10 40.74 -23.67
CA GLY A 23 14.30 40.06 -24.67
C GLY A 23 14.76 38.64 -24.82
N THR A 24 14.19 37.82 -25.56
CA THR A 24 14.55 36.43 -25.76
C THR A 24 14.69 36.14 -27.22
N LEU A 25 15.70 35.52 -27.57
CA LEU A 25 15.88 35.10 -28.95
C LEU A 25 15.18 33.77 -29.22
N VAL A 26 14.44 33.73 -30.32
CA VAL A 26 13.72 32.53 -30.71
C VAL A 26 14.03 32.24 -32.16
N LYS A 27 13.61 31.06 -32.63
CA LYS A 27 13.79 30.69 -34.04
C LYS A 27 12.48 30.81 -34.79
N THR A 28 12.52 31.26 -36.03
CA THR A 28 11.35 31.29 -36.89
C THR A 28 11.68 30.60 -38.20
N ILE A 29 10.77 30.71 -39.16
CA ILE A 29 10.98 30.11 -40.46
C ILE A 29 12.12 30.82 -41.19
N THR A 30 12.05 32.14 -41.20
CA THR A 30 13.04 32.95 -41.88
C THR A 30 14.27 33.28 -41.02
N ASP A 31 14.16 33.27 -39.69
CA ASP A 31 15.31 33.69 -38.84
C ASP A 31 15.80 32.64 -37.83
N ASP A 32 17.12 32.47 -37.77
CA ASP A 32 17.71 31.59 -36.75
C ASP A 32 17.58 32.16 -35.35
N GLN A 33 17.71 33.49 -35.26
CA GLN A 33 17.59 34.22 -34.01
C GLN A 33 16.78 35.47 -34.26
N ILE A 34 15.71 35.66 -33.50
CA ILE A 34 14.93 36.89 -33.60
C ILE A 34 14.41 37.23 -32.21
N GLU A 35 14.37 38.50 -31.86
CA GLU A 35 14.05 38.84 -30.48
C GLU A 35 12.57 39.13 -30.23
N VAL A 36 12.04 38.53 -29.18
CA VAL A 36 10.65 38.71 -28.75
C VAL A 36 10.58 39.12 -27.30
N THR A 37 9.43 39.66 -26.88
CA THR A 37 9.33 40.17 -25.52
C THR A 37 9.49 39.07 -24.48
N ASN A 38 8.97 37.87 -24.77
CA ASN A 38 9.30 36.70 -23.95
C ASN A 38 8.93 35.42 -24.67
N ALA A 39 9.29 34.32 -24.04
CA ALA A 39 9.09 33.01 -24.61
C ALA A 39 9.06 31.97 -23.51
N THR A 40 8.79 30.73 -23.87
CA THR A 40 8.80 29.65 -22.90
C THR A 40 9.59 28.44 -23.44
N GLU A 41 10.26 27.74 -22.53
CA GLU A 41 11.11 26.62 -22.90
C GLU A 41 10.33 25.33 -23.04
N LEU A 42 10.43 24.70 -24.22
CA LEU A 42 9.70 23.47 -24.47
C LEU A 42 10.48 22.19 -24.20
N VAL A 43 11.80 22.28 -23.98
CA VAL A 43 12.59 21.09 -23.71
C VAL A 43 13.08 21.00 -22.27
N GLN A 44 12.64 19.95 -21.56
CA GLN A 44 13.09 19.69 -20.21
C GLN A 44 14.48 19.15 -20.29
N SER A 45 15.46 20.00 -19.97
CA SER A 45 16.86 19.65 -20.16
C SER A 45 17.61 19.24 -18.90
N SER A 46 16.93 19.26 -17.76
CA SER A 46 17.61 19.00 -16.49
C SER A 46 16.84 18.11 -15.56
N SER A 47 17.57 17.50 -14.62
CA SER A 47 16.99 16.56 -13.68
C SER A 47 17.53 16.73 -12.26
N THR A 48 16.87 16.09 -11.32
CA THR A 48 17.27 16.06 -9.91
C THR A 48 18.43 15.12 -9.65
N GLY A 49 18.36 13.94 -10.26
CA GLY A 49 19.34 12.89 -9.99
C GLY A 49 18.75 11.85 -9.06
N ARG A 50 17.54 12.12 -8.58
CA ARG A 50 16.88 11.20 -7.69
C ARG A 50 15.51 10.79 -8.24
N ILE A 51 15.20 9.51 -8.06
CA ILE A 51 13.98 8.89 -8.53
C ILE A 51 12.86 9.01 -7.51
N CYS A 52 11.76 9.63 -7.88
CA CYS A 52 10.67 9.77 -6.93
C CYS A 52 9.90 8.48 -6.75
N ASN A 53 9.76 8.05 -5.51
CA ASN A 53 9.09 6.79 -5.19
C ASN A 53 7.55 6.80 -5.33
N SER A 54 6.98 7.89 -5.86
CA SER A 54 5.55 7.93 -6.13
C SER A 54 5.35 8.75 -7.40
N PRO A 55 4.23 8.53 -8.10
CA PRO A 55 3.14 7.62 -7.84
C PRO A 55 3.41 6.20 -8.36
N HIS A 56 4.26 6.06 -9.36
CA HIS A 56 4.50 4.73 -9.85
C HIS A 56 5.37 3.97 -8.80
N GLN A 57 4.97 2.72 -8.48
CA GLN A 57 5.61 1.86 -7.44
C GLN A 57 7.02 1.37 -7.78
N ILE A 58 8.02 1.92 -7.09
CA ILE A 58 9.41 1.58 -7.39
C ILE A 58 9.95 0.45 -6.53
N LEU A 59 10.58 -0.53 -7.17
CA LEU A 59 11.23 -1.58 -6.41
C LEU A 59 12.73 -1.57 -6.64
N ASP A 60 13.47 -1.17 -5.62
CA ASP A 60 14.91 -1.08 -5.70
C ASP A 60 15.52 -2.46 -5.69
N GLY A 61 16.13 -2.85 -6.80
CA GLY A 61 16.76 -4.15 -6.93
C GLY A 61 18.02 -4.30 -6.05
N LYS A 62 18.62 -3.18 -5.62
CA LYS A 62 19.77 -3.23 -4.73
C LYS A 62 20.87 -4.15 -5.28
N ASN A 63 21.29 -5.14 -4.50
CA ASN A 63 22.34 -6.05 -4.93
C ASN A 63 21.86 -7.23 -5.76
N CYS A 64 20.57 -7.28 -6.07
CA CYS A 64 20.02 -8.34 -6.89
C CYS A 64 19.67 -7.88 -8.30
N THR A 65 19.83 -8.80 -9.24
CA THR A 65 19.37 -8.59 -10.60
C THR A 65 17.96 -9.15 -10.66
N LEU A 66 17.19 -8.80 -11.69
CA LEU A 66 15.82 -9.32 -11.74
C LEU A 66 15.80 -10.83 -11.86
N ILE A 67 16.73 -11.39 -12.63
CA ILE A 67 16.82 -12.83 -12.81
C ILE A 67 17.30 -13.55 -11.53
N ASP A 68 18.22 -12.95 -10.77
CA ASP A 68 18.60 -13.56 -9.49
C ASP A 68 17.44 -13.54 -8.52
N ALA A 69 16.69 -12.45 -8.52
CA ALA A 69 15.50 -12.33 -7.70
C ALA A 69 14.46 -13.40 -8.13
N LEU A 70 14.32 -13.62 -9.45
CA LEU A 70 13.44 -14.64 -9.99
C LEU A 70 13.84 -16.04 -9.52
N LEU A 71 15.08 -16.44 -9.84
CA LEU A 71 15.53 -17.80 -9.62
C LEU A 71 15.53 -18.15 -8.14
N GLY A 72 15.93 -17.20 -7.31
CA GLY A 72 15.88 -17.41 -5.88
C GLY A 72 17.25 -17.38 -5.25
N ASP A 73 18.15 -16.56 -5.78
CA ASP A 73 19.49 -16.48 -5.23
C ASP A 73 19.35 -16.06 -3.78
N PRO A 74 19.90 -16.83 -2.83
CA PRO A 74 19.88 -16.63 -1.38
C PRO A 74 19.91 -15.19 -0.88
N HIS A 75 20.63 -14.28 -1.56
CA HIS A 75 20.73 -12.92 -1.00
C HIS A 75 19.57 -12.07 -1.52
N CYS A 76 18.66 -12.69 -2.25
CA CYS A 76 17.49 -12.05 -2.83
C CYS A 76 16.20 -12.58 -2.21
N ASP A 77 16.29 -13.26 -1.06
CA ASP A 77 15.07 -13.74 -0.41
C ASP A 77 14.07 -12.62 -0.08
N ASP A 78 14.59 -11.41 0.14
CA ASP A 78 13.73 -10.24 0.39
C ASP A 78 12.82 -9.88 -0.77
N PHE A 79 13.11 -10.38 -1.97
CA PHE A 79 12.32 -10.04 -3.14
C PHE A 79 11.24 -11.06 -3.46
N GLN A 80 11.14 -12.11 -2.65
CA GLN A 80 10.13 -13.12 -2.95
C GLN A 80 8.73 -12.49 -2.93
N ASN A 81 7.97 -12.81 -3.99
CA ASN A 81 6.57 -12.41 -4.17
C ASN A 81 6.34 -10.89 -4.18
N LYS A 82 7.36 -10.12 -4.52
CA LYS A 82 7.22 -8.66 -4.59
C LYS A 82 6.69 -8.19 -5.96
N GLU A 83 6.17 -6.96 -5.98
CA GLU A 83 5.60 -6.34 -7.17
C GLU A 83 6.30 -5.03 -7.49
N TRP A 84 6.13 -4.53 -8.72
CA TRP A 84 6.64 -3.20 -9.08
C TRP A 84 5.95 -2.61 -10.30
N ASP A 85 5.86 -1.28 -10.35
CA ASP A 85 5.56 -0.60 -11.59
C ASP A 85 6.90 -0.43 -12.31
N LEU A 86 7.96 -0.24 -11.54
CA LEU A 86 9.28 -0.14 -12.13
C LEU A 86 10.34 -0.83 -11.27
N PHE A 87 10.96 -1.88 -11.80
CA PHE A 87 12.04 -2.56 -11.11
C PHE A 87 13.35 -1.88 -11.47
N VAL A 88 14.16 -1.55 -10.46
CA VAL A 88 15.40 -0.83 -10.73
C VAL A 88 16.63 -1.67 -10.49
N GLU A 89 17.38 -1.93 -11.55
CA GLU A 89 18.62 -2.67 -11.44
C GLU A 89 19.82 -1.76 -11.21
N ARG A 90 20.61 -2.11 -10.21
CA ARG A 90 21.79 -1.34 -9.86
C ARG A 90 23.03 -1.97 -10.44
N SER A 91 24.02 -1.15 -10.78
CA SER A 91 25.29 -1.65 -11.31
C SER A 91 26.09 -2.41 -10.27
N THR A 92 25.77 -2.16 -9.00
CA THR A 92 26.43 -2.77 -7.87
C THR A 92 26.03 -4.23 -7.67
N ALA A 93 24.97 -4.66 -8.35
CA ALA A 93 24.39 -5.98 -8.19
C ALA A 93 25.35 -7.09 -8.50
N TYR A 94 25.14 -8.22 -7.82
CA TYR A 94 25.97 -9.40 -8.01
C TYR A 94 25.15 -10.66 -7.92
N SER A 95 25.82 -11.78 -8.17
CA SER A 95 25.20 -13.09 -8.03
C SER A 95 26.05 -13.89 -7.05
N ASN A 96 25.43 -14.77 -6.30
CA ASN A 96 26.14 -15.52 -5.29
C ASN A 96 25.54 -16.91 -5.12
N CYS A 97 25.35 -17.59 -6.24
CA CYS A 97 24.76 -18.90 -6.22
C CYS A 97 25.37 -19.73 -7.34
N TYR A 98 24.79 -20.89 -7.63
CA TYR A 98 25.40 -21.80 -8.57
C TYR A 98 25.58 -21.10 -9.91
N PRO A 99 26.60 -21.43 -10.70
CA PRO A 99 26.87 -20.85 -11.99
C PRO A 99 25.77 -21.22 -12.94
N TYR A 100 25.23 -20.22 -13.63
CA TYR A 100 24.15 -20.52 -14.54
C TYR A 100 24.23 -19.69 -15.80
N TYR A 101 23.50 -20.15 -16.79
CA TYR A 101 23.41 -19.48 -18.07
C TYR A 101 21.98 -19.47 -18.51
N VAL A 102 21.46 -18.28 -18.82
CA VAL A 102 20.09 -18.22 -19.32
C VAL A 102 20.15 -17.89 -20.81
N PRO A 103 20.11 -18.89 -21.68
CA PRO A 103 19.91 -18.63 -23.08
C PRO A 103 18.59 -17.91 -23.16
N ASP A 104 18.50 -16.89 -23.98
CA ASP A 104 17.26 -16.11 -24.04
C ASP A 104 17.08 -15.31 -22.74
N TYR A 105 18.20 -14.86 -22.14
CA TYR A 105 18.20 -14.08 -20.90
C TYR A 105 17.40 -12.82 -21.02
N ALA A 106 17.73 -12.05 -22.03
CA ALA A 106 17.13 -10.74 -22.24
C ALA A 106 15.63 -10.82 -22.43
N THR A 107 15.17 -11.88 -23.10
CA THR A 107 13.75 -12.09 -23.33
C THR A 107 13.06 -12.38 -22.03
N LEU A 108 13.65 -13.26 -21.23
CA LEU A 108 13.09 -13.62 -19.94
C LEU A 108 13.00 -12.42 -19.01
N ARG A 109 14.10 -11.68 -18.89
CA ARG A 109 14.11 -10.48 -18.07
C ARG A 109 12.98 -9.54 -18.47
N SER A 110 12.84 -9.31 -19.78
CA SER A 110 11.80 -8.43 -20.32
C SER A 110 10.38 -8.85 -20.00
N LEU A 111 10.08 -10.14 -20.19
CA LEU A 111 8.71 -10.57 -19.94
C LEU A 111 8.36 -10.59 -18.43
N VAL A 112 9.35 -10.80 -17.56
CA VAL A 112 9.09 -10.69 -16.14
C VAL A 112 8.88 -9.23 -15.75
N ALA A 113 9.74 -8.34 -16.27
CA ALA A 113 9.67 -6.92 -15.99
C ALA A 113 8.32 -6.30 -16.34
N SER A 114 7.76 -6.70 -17.50
CA SER A 114 6.47 -6.18 -17.93
C SER A 114 5.29 -6.92 -17.29
N SER A 115 5.53 -8.11 -16.71
CA SER A 115 4.52 -8.78 -15.88
C SER A 115 4.32 -7.98 -14.60
N GLY A 116 5.42 -7.56 -13.99
CA GLY A 116 5.35 -6.65 -12.85
C GLY A 116 5.46 -7.28 -11.48
N ASN A 117 5.62 -8.59 -11.41
CA ASN A 117 5.73 -9.19 -10.09
C ASN A 117 6.35 -10.55 -10.11
N LEU A 118 6.82 -10.97 -8.94
CA LEU A 118 7.42 -12.28 -8.72
C LEU A 118 6.54 -13.17 -7.86
N GLU A 119 5.21 -13.02 -7.96
CA GLU A 119 4.28 -13.85 -7.19
C GLU A 119 4.56 -15.28 -7.58
N PHE A 120 5.02 -16.07 -6.61
CA PHE A 120 5.38 -17.46 -6.86
C PHE A 120 4.49 -18.36 -6.03
N THR A 121 3.88 -19.31 -6.70
CA THR A 121 2.98 -20.27 -6.08
C THR A 121 3.56 -21.66 -6.13
N GLN A 122 3.66 -22.32 -5.00
CA GLN A 122 4.23 -23.67 -5.00
C GLN A 122 3.25 -24.76 -5.44
N GLU A 123 3.82 -25.82 -6.02
CA GLU A 123 3.03 -26.95 -6.50
C GLU A 123 3.63 -28.31 -6.13
N SER A 124 2.72 -29.27 -5.95
CA SER A 124 3.08 -30.63 -5.56
C SER A 124 3.48 -31.50 -6.72
N PHE A 125 4.72 -31.40 -7.13
CA PHE A 125 5.21 -32.28 -8.18
C PHE A 125 5.55 -33.64 -7.57
N ASN A 126 5.21 -34.69 -8.28
CA ASN A 126 5.41 -36.04 -7.77
C ASN A 126 6.73 -36.66 -8.19
N TRP A 127 7.81 -36.36 -7.47
CA TRP A 127 9.11 -36.88 -7.89
C TRP A 127 9.44 -38.25 -7.27
N THR A 128 8.75 -39.28 -7.77
CA THR A 128 8.91 -40.66 -7.29
C THR A 128 10.31 -41.24 -7.37
N GLY A 129 10.87 -41.54 -6.20
CA GLY A 129 12.13 -42.28 -6.10
C GLY A 129 13.38 -41.45 -6.28
N VAL A 130 13.25 -40.13 -6.28
CA VAL A 130 14.41 -39.27 -6.46
C VAL A 130 14.62 -38.30 -5.28
N ALA A 131 15.88 -38.12 -4.88
CA ALA A 131 16.21 -37.25 -3.76
C ALA A 131 16.02 -35.81 -4.16
N GLN A 132 15.49 -35.00 -3.25
CA GLN A 132 15.19 -33.62 -3.60
C GLN A 132 16.01 -32.65 -2.80
N ASP A 133 15.86 -31.38 -3.14
CA ASP A 133 16.44 -30.28 -2.38
C ASP A 133 17.95 -30.35 -2.24
N GLY A 134 18.66 -30.62 -3.35
CA GLY A 134 20.10 -30.61 -3.33
C GLY A 134 20.63 -29.18 -3.15
N SER A 135 21.90 -29.08 -2.76
CA SER A 135 22.49 -27.79 -2.45
C SER A 135 23.96 -27.76 -2.85
N SER A 136 24.60 -26.59 -2.71
CA SER A 136 26.00 -26.48 -3.10
C SER A 136 26.80 -25.40 -2.39
N TYR A 137 28.08 -25.69 -2.27
CA TYR A 137 29.11 -24.78 -1.78
C TYR A 137 29.17 -23.44 -2.53
N ALA A 138 28.79 -23.46 -3.81
CA ALA A 138 28.80 -22.27 -4.64
C ALA A 138 27.63 -21.34 -4.31
N CYS A 139 26.67 -21.87 -3.57
CA CYS A 139 25.49 -21.14 -3.21
C CYS A 139 25.22 -21.30 -1.74
N ARG A 140 26.16 -20.88 -0.90
CA ARG A 140 25.97 -20.96 0.54
C ARG A 140 25.23 -19.75 1.05
N ARG A 141 24.41 -19.96 2.07
CA ARG A 141 23.64 -18.86 2.62
C ARG A 141 24.49 -18.13 3.64
N GLY A 142 25.18 -18.89 4.47
CA GLY A 142 26.15 -18.36 5.41
C GLY A 142 27.38 -19.23 5.29
N SER A 143 27.40 -20.26 6.10
CA SER A 143 28.37 -21.34 6.01
C SER A 143 27.63 -22.63 5.65
N VAL A 144 26.35 -22.46 5.32
CA VAL A 144 25.45 -23.56 5.02
C VAL A 144 25.18 -23.67 3.54
N ASN A 145 25.34 -24.86 2.97
CA ASN A 145 25.08 -25.02 1.55
C ASN A 145 23.60 -24.80 1.24
N SER A 146 23.33 -23.93 0.27
CA SER A 146 21.98 -23.60 -0.16
C SER A 146 21.82 -23.74 -1.68
N PHE A 147 20.80 -23.11 -2.23
CA PHE A 147 20.48 -23.20 -3.65
C PHE A 147 19.40 -22.17 -4.00
N PHE A 148 19.11 -22.05 -5.28
CA PHE A 148 18.02 -21.20 -5.73
C PHE A 148 16.71 -21.62 -5.06
N SER A 149 16.11 -20.71 -4.33
CA SER A 149 14.90 -20.99 -3.57
C SER A 149 13.64 -21.33 -4.41
N ARG A 150 13.67 -21.07 -5.72
CA ARG A 150 12.54 -21.48 -6.57
C ARG A 150 12.86 -22.68 -7.47
N LEU A 151 14.04 -23.28 -7.30
CA LEU A 151 14.44 -24.45 -8.07
C LEU A 151 14.72 -25.65 -7.17
N ASN A 152 14.50 -26.85 -7.71
CA ASN A 152 14.62 -28.07 -6.92
C ASN A 152 15.62 -29.04 -7.53
N TRP A 153 16.76 -29.18 -6.88
CA TRP A 153 17.83 -30.01 -7.41
C TRP A 153 17.59 -31.49 -7.08
N LEU A 154 17.19 -32.23 -8.10
CA LEU A 154 16.90 -33.65 -7.96
C LEU A 154 18.17 -34.51 -8.16
N TYR A 155 18.37 -35.54 -7.33
CA TYR A 155 19.56 -36.41 -7.43
C TYR A 155 19.35 -37.85 -6.86
N ASN A 156 20.45 -38.62 -6.76
CA ASN A 156 20.43 -39.99 -6.25
C ASN A 156 19.76 -40.17 -4.89
N LEU A 157 18.90 -41.18 -4.83
CA LEU A 157 18.30 -41.59 -3.58
C LEU A 157 18.66 -43.03 -3.30
N ASN A 158 19.56 -43.23 -2.36
CA ASN A 158 20.08 -44.55 -2.02
C ASN A 158 20.71 -45.21 -3.24
N TYR A 159 21.55 -44.44 -3.94
CA TYR A 159 22.28 -44.90 -5.14
C TYR A 159 21.33 -45.31 -6.25
N LYS A 160 20.32 -44.49 -6.49
CA LYS A 160 19.30 -44.83 -7.48
C LYS A 160 18.66 -43.60 -8.12
N TYR A 161 18.38 -43.69 -9.41
CA TYR A 161 17.75 -42.56 -10.11
C TYR A 161 16.87 -43.26 -11.16
N PRO A 162 15.54 -43.08 -11.08
CA PRO A 162 14.48 -43.54 -11.98
C PRO A 162 14.18 -42.44 -12.98
N GLU A 163 13.71 -42.79 -14.18
CA GLU A 163 13.22 -41.75 -15.05
C GLU A 163 11.98 -41.12 -14.40
N GLN A 164 11.81 -39.83 -14.57
CA GLN A 164 10.66 -39.11 -14.06
C GLN A 164 9.67 -38.79 -15.18
N ASN A 165 8.40 -38.82 -14.87
CA ASN A 165 7.36 -38.43 -15.81
C ASN A 165 6.22 -37.83 -15.00
N VAL A 166 6.17 -36.50 -14.98
CA VAL A 166 5.23 -35.78 -14.15
C VAL A 166 4.43 -34.74 -14.94
N THR A 167 3.13 -34.59 -14.66
CA THR A 167 2.41 -33.49 -15.30
C THR A 167 1.93 -32.51 -14.26
N MET A 168 1.64 -31.29 -14.70
CA MET A 168 1.09 -30.27 -13.82
C MET A 168 0.11 -29.50 -14.74
N PRO A 169 -1.19 -29.74 -14.59
CA PRO A 169 -2.30 -29.20 -15.37
C PRO A 169 -2.63 -27.80 -14.89
N ASN A 170 -2.88 -26.90 -15.84
CA ASN A 170 -3.30 -25.54 -15.53
C ASN A 170 -4.80 -25.40 -15.57
N ASN A 171 -5.42 -25.40 -14.39
CA ASN A 171 -6.87 -25.29 -14.32
C ASN A 171 -7.30 -23.99 -13.70
N ASP A 172 -6.46 -22.98 -13.82
CA ASP A 172 -6.79 -21.66 -13.31
C ASP A 172 -7.22 -20.75 -14.45
N LYS A 173 -7.54 -19.51 -14.11
CA LYS A 173 -8.02 -18.55 -15.09
C LYS A 173 -6.90 -17.72 -15.72
N PHE A 174 -5.65 -18.08 -15.43
CA PHE A 174 -4.49 -17.29 -15.84
C PHE A 174 -3.33 -18.16 -16.26
N ASP A 175 -2.35 -17.53 -16.89
CA ASP A 175 -1.17 -18.19 -17.41
C ASP A 175 -0.15 -18.46 -16.30
N LYS A 176 0.45 -19.64 -16.34
CA LYS A 176 1.47 -20.01 -15.38
C LYS A 176 2.86 -19.93 -16.01
N LEU A 177 3.82 -19.39 -15.28
CA LEU A 177 5.20 -19.32 -15.77
C LEU A 177 6.10 -20.24 -14.96
N TYR A 178 6.63 -21.25 -15.63
CA TYR A 178 7.48 -22.22 -14.97
C TYR A 178 8.93 -22.01 -15.31
N ILE A 179 9.73 -21.73 -14.29
CA ILE A 179 11.15 -21.55 -14.49
C ILE A 179 11.87 -22.80 -14.02
N TRP A 180 12.70 -23.36 -14.89
CA TRP A 180 13.41 -24.59 -14.59
C TRP A 180 14.79 -24.60 -15.22
N GLY A 181 15.54 -25.68 -15.05
CA GLY A 181 16.85 -25.71 -15.67
C GLY A 181 17.41 -27.10 -15.87
N VAL A 182 18.62 -27.15 -16.40
CA VAL A 182 19.34 -28.39 -16.62
C VAL A 182 20.79 -28.29 -16.18
N HIS A 183 21.22 -29.28 -15.41
CA HIS A 183 22.56 -29.28 -14.87
C HIS A 183 23.52 -30.02 -15.77
N HIS A 184 24.64 -29.38 -16.07
CA HIS A 184 25.70 -29.96 -16.87
C HIS A 184 26.95 -30.11 -16.02
N PRO A 185 27.31 -31.33 -15.61
CA PRO A 185 28.47 -31.69 -14.80
C PRO A 185 29.80 -31.37 -15.49
N GLY A 186 30.82 -31.16 -14.68
CA GLY A 186 32.19 -30.95 -15.16
C GLY A 186 32.83 -32.25 -15.63
N THR A 187 32.58 -33.35 -14.90
CA THR A 187 33.14 -34.65 -15.27
C THR A 187 32.08 -35.74 -15.33
N ASP A 188 32.49 -36.89 -15.81
CA ASP A 188 31.60 -38.01 -16.00
C ASP A 188 31.34 -38.67 -14.65
N LYS A 189 32.32 -38.59 -13.76
CA LYS A 189 32.18 -39.07 -12.40
C LYS A 189 31.12 -38.27 -11.68
N ASP A 190 31.15 -36.95 -11.87
CA ASP A 190 30.13 -36.08 -11.28
C ASP A 190 28.74 -36.44 -11.77
N GLN A 191 28.62 -36.71 -13.07
CA GLN A 191 27.35 -37.19 -13.61
C GLN A 191 26.82 -38.38 -12.86
N THR A 192 27.59 -39.46 -12.79
CA THR A 192 27.10 -40.72 -12.21
C THR A 192 26.93 -40.67 -10.71
N ASN A 193 27.67 -39.80 -10.02
CA ASN A 193 27.48 -39.64 -8.59
C ASN A 193 26.15 -38.98 -8.28
N LEU A 194 25.78 -37.97 -9.05
CA LEU A 194 24.55 -37.26 -8.79
C LEU A 194 23.34 -37.95 -9.42
N TYR A 195 23.53 -38.47 -10.61
CA TYR A 195 22.47 -39.16 -11.31
C TYR A 195 23.04 -40.48 -11.73
N VAL A 196 22.74 -41.58 -11.09
CA VAL A 196 23.40 -42.81 -11.52
C VAL A 196 23.67 -42.82 -13.01
N GLN A 197 22.59 -42.63 -13.77
CA GLN A 197 22.51 -42.91 -15.19
C GLN A 197 23.42 -41.90 -15.90
N ALA A 198 23.97 -42.28 -17.05
CA ALA A 198 24.80 -41.39 -17.84
C ALA A 198 23.94 -40.28 -18.47
N SER A 199 24.61 -39.30 -19.10
CA SER A 199 23.93 -38.14 -19.72
C SER A 199 22.70 -38.62 -20.46
N GLY A 200 21.54 -38.07 -20.08
CA GLY A 200 20.27 -38.47 -20.66
C GLY A 200 19.56 -37.15 -20.96
N ARG A 201 18.30 -37.25 -21.38
CA ARG A 201 17.50 -36.06 -21.74
C ARG A 201 16.44 -35.45 -20.83
N VAL A 202 16.18 -34.17 -21.05
CA VAL A 202 15.09 -33.48 -20.38
C VAL A 202 14.06 -33.00 -21.41
N ILE A 203 12.82 -33.47 -21.28
CA ILE A 203 11.79 -33.08 -22.24
C ILE A 203 10.59 -32.42 -21.56
N VAL A 204 10.44 -31.13 -21.82
CA VAL A 204 9.37 -30.35 -21.23
C VAL A 204 8.38 -29.89 -22.32
N SER A 205 7.20 -30.48 -22.30
CA SER A 205 6.26 -30.34 -23.40
C SER A 205 4.91 -29.78 -22.97
N THR A 206 4.26 -29.03 -23.86
CA THR A 206 2.89 -28.63 -23.65
C THR A 206 2.14 -28.80 -24.95
N LYS A 207 0.90 -28.37 -24.97
CA LYS A 207 0.11 -28.49 -26.18
C LYS A 207 0.47 -27.41 -27.21
N ARG A 208 1.31 -26.43 -26.83
CA ARG A 208 1.78 -25.42 -27.76
C ARG A 208 3.28 -25.50 -27.99
N SER A 209 4.02 -25.86 -26.95
CA SER A 209 5.49 -25.84 -26.98
C SER A 209 6.11 -27.22 -26.98
N GLN A 210 7.44 -27.23 -27.01
CA GLN A 210 8.20 -28.45 -26.99
C GLN A 210 9.61 -27.93 -26.67
N GLN A 211 10.28 -28.59 -25.74
CA GLN A 211 11.59 -28.15 -25.25
C GLN A 211 12.42 -29.34 -24.87
N THR A 212 13.35 -29.71 -25.75
CA THR A 212 14.21 -30.82 -25.41
C THR A 212 15.60 -30.31 -25.14
N VAL A 213 16.20 -30.82 -24.09
CA VAL A 213 17.55 -30.43 -23.71
C VAL A 213 18.43 -31.65 -23.50
N ILE A 214 19.56 -31.66 -24.17
CA ILE A 214 20.53 -32.70 -23.90
C ILE A 214 21.65 -32.13 -23.05
N PRO A 215 21.93 -32.75 -21.90
CA PRO A 215 23.01 -32.38 -21.01
C PRO A 215 24.35 -32.67 -21.65
N ASN A 216 25.25 -31.71 -21.53
CA ASN A 216 26.57 -31.85 -22.13
C ASN A 216 27.61 -31.70 -21.07
N ILE A 217 28.24 -32.81 -20.73
CA ILE A 217 29.22 -32.87 -19.68
C ILE A 217 30.58 -32.36 -20.17
N GLY A 218 31.22 -31.53 -19.35
CA GLY A 218 32.52 -30.98 -19.72
C GLY A 218 32.94 -29.95 -18.69
N SER A 219 34.23 -29.65 -18.66
CA SER A 219 34.76 -28.73 -17.67
C SER A 219 34.34 -27.31 -18.02
N ARG A 220 33.75 -26.62 -17.06
CA ARG A 220 33.33 -25.23 -17.21
C ARG A 220 34.24 -24.30 -16.41
N PRO A 221 34.01 -22.99 -16.51
CA PRO A 221 34.68 -21.97 -15.74
C PRO A 221 34.40 -22.12 -14.27
N TRP A 222 35.45 -21.97 -13.47
CA TRP A 222 35.35 -22.08 -12.04
C TRP A 222 34.60 -20.94 -11.41
N VAL A 223 33.47 -21.27 -10.83
CA VAL A 223 32.69 -20.34 -10.10
C VAL A 223 32.42 -20.87 -8.72
N ARG A 224 33.00 -20.23 -7.72
CA ARG A 224 32.77 -20.54 -6.32
C ARG A 224 32.74 -22.03 -5.98
N GLY A 225 33.80 -22.75 -6.30
CA GLY A 225 33.86 -24.16 -5.91
C GLY A 225 33.41 -25.12 -6.99
N VAL A 226 32.82 -24.61 -8.06
CA VAL A 226 32.22 -25.48 -9.05
C VAL A 226 32.73 -25.21 -10.47
N SER A 227 33.03 -26.28 -11.21
CA SER A 227 33.48 -26.19 -12.62
C SER A 227 32.42 -26.69 -13.62
N SER A 228 31.17 -26.56 -13.19
CA SER A 228 29.95 -27.02 -13.86
C SER A 228 28.94 -25.87 -14.08
N ILE A 229 27.78 -26.16 -14.66
CA ILE A 229 26.84 -25.05 -14.90
C ILE A 229 25.39 -25.52 -15.13
N ILE A 230 24.43 -24.65 -14.77
CA ILE A 230 23.01 -24.89 -15.02
C ILE A 230 22.39 -23.97 -16.11
N SER A 231 21.77 -24.60 -17.12
CA SER A 231 21.07 -23.89 -18.19
C SER A 231 19.66 -23.57 -17.76
N ILE A 232 19.25 -22.32 -17.87
CA ILE A 232 17.91 -21.95 -17.41
C ILE A 232 16.93 -21.80 -18.53
N TYR A 233 15.78 -22.41 -18.36
CA TYR A 233 14.73 -22.39 -19.36
C TYR A 233 13.39 -21.96 -18.76
N TRP A 234 12.49 -21.45 -19.60
CA TRP A 234 11.19 -21.05 -19.10
C TRP A 234 10.07 -21.57 -19.96
N THR A 235 8.91 -21.74 -19.36
CA THR A 235 7.75 -22.24 -20.05
C THR A 235 6.46 -21.54 -19.63
N ILE A 236 5.61 -21.17 -20.57
CA ILE A 236 4.29 -20.68 -20.18
C ILE A 236 3.21 -21.70 -20.49
N VAL A 237 2.37 -21.95 -19.47
CA VAL A 237 1.28 -22.89 -19.60
C VAL A 237 -0.04 -22.16 -19.56
N LYS A 238 -0.78 -22.25 -20.65
CA LYS A 238 -2.08 -21.62 -20.75
C LYS A 238 -3.13 -22.42 -19.99
N PRO A 239 -4.25 -21.79 -19.65
CA PRO A 239 -5.42 -22.41 -19.07
C PRO A 239 -5.93 -23.49 -20.00
N GLY A 240 -6.02 -24.71 -19.49
CA GLY A 240 -6.46 -25.84 -20.29
C GLY A 240 -5.28 -26.61 -20.86
N ASP A 241 -4.10 -26.02 -20.75
CA ASP A 241 -2.90 -26.66 -21.20
C ASP A 241 -2.34 -27.40 -19.99
N ILE A 242 -1.34 -28.24 -20.23
CA ILE A 242 -0.72 -29.04 -19.19
C ILE A 242 0.78 -29.07 -19.28
N LEU A 243 1.48 -28.78 -18.18
CA LEU A 243 2.93 -28.90 -18.16
C LEU A 243 3.36 -30.36 -18.02
N LEU A 244 4.12 -30.89 -18.96
CA LEU A 244 4.50 -32.30 -18.86
C LEU A 244 6.00 -32.49 -18.96
N ILE A 245 6.50 -33.10 -17.85
CA ILE A 245 7.94 -33.25 -17.80
C ILE A 245 8.39 -34.70 -17.77
N ASN A 246 9.03 -35.02 -18.85
CA ASN A 246 9.74 -36.29 -18.90
C ASN A 246 11.22 -35.96 -18.79
N SER A 247 11.87 -36.71 -17.68
CA SER A 247 13.29 -36.47 -17.48
C SER A 247 13.99 -37.71 -17.04
N THR A 248 15.10 -37.97 -17.68
CA THR A 248 15.89 -39.13 -17.33
C THR A 248 16.99 -38.78 -16.35
N GLY A 249 17.05 -37.52 -15.92
CA GLY A 249 18.12 -37.05 -15.06
C GLY A 249 18.65 -35.69 -15.50
N ASN A 250 19.41 -35.04 -14.62
CA ASN A 250 20.00 -33.70 -14.79
C ASN A 250 18.95 -32.58 -14.74
N LEU A 251 17.76 -32.89 -14.27
CA LEU A 251 16.69 -31.91 -14.19
C LEU A 251 16.76 -31.05 -12.94
N ILE A 252 16.83 -29.74 -13.13
CA ILE A 252 16.65 -28.80 -12.04
C ILE A 252 15.18 -28.42 -12.08
N ALA A 253 14.42 -29.00 -11.18
CA ALA A 253 12.99 -28.97 -11.31
C ALA A 253 12.41 -27.65 -10.83
N PRO A 254 11.20 -27.31 -11.30
CA PRO A 254 10.40 -26.19 -10.88
C PRO A 254 9.71 -26.56 -9.57
N ARG A 255 9.55 -25.58 -8.68
CA ARG A 255 8.84 -25.82 -7.44
C ARG A 255 7.39 -25.40 -7.50
N GLY A 256 6.99 -24.81 -8.63
CA GLY A 256 5.68 -24.22 -8.83
C GLY A 256 5.72 -23.20 -9.97
N TYR A 257 4.88 -22.17 -9.91
CA TYR A 257 4.81 -21.21 -11.02
C TYR A 257 4.64 -19.77 -10.62
N PHE A 258 5.10 -18.90 -11.51
CA PHE A 258 4.88 -17.50 -11.35
C PHE A 258 3.62 -17.13 -12.09
N LYS A 259 2.82 -16.29 -11.48
CA LYS A 259 1.62 -15.84 -12.14
C LYS A 259 2.05 -14.78 -13.13
N ILE A 260 1.85 -15.04 -14.42
CA ILE A 260 2.37 -14.10 -15.42
C ILE A 260 1.29 -13.36 -16.16
N GLN A 261 1.46 -12.05 -16.20
CA GLN A 261 0.50 -11.14 -16.79
C GLN A 261 1.22 -10.12 -17.66
N SER A 262 0.56 -9.01 -17.94
CA SER A 262 1.20 -7.97 -18.72
C SER A 262 0.51 -6.64 -18.44
N GLY A 263 1.32 -5.59 -18.24
CA GLY A 263 0.86 -4.23 -17.94
C GLY A 263 1.87 -3.12 -17.61
N LYS A 264 1.37 -2.04 -17.00
CA LYS A 264 2.17 -0.84 -16.67
C LYS A 264 3.17 -1.48 -15.71
N SER A 265 4.31 -1.93 -16.22
CA SER A 265 5.23 -2.71 -15.39
C SER A 265 6.40 -2.49 -16.30
N SER A 266 7.57 -2.25 -15.75
CA SER A 266 8.80 -2.35 -16.55
C SER A 266 10.03 -2.54 -15.68
N ILE A 267 11.19 -2.21 -16.25
CA ILE A 267 12.48 -2.32 -15.59
C ILE A 267 13.44 -1.27 -16.14
N MET A 268 14.32 -0.78 -15.30
CA MET A 268 15.25 0.25 -15.69
C MET A 268 16.58 0.04 -15.03
N ARG A 269 17.64 0.41 -15.73
CA ARG A 269 18.98 0.31 -15.17
C ARG A 269 19.42 1.68 -14.73
N SER A 270 19.82 1.79 -13.47
CA SER A 270 20.16 3.10 -12.91
C SER A 270 20.86 2.96 -11.58
N ASP A 271 21.66 3.94 -11.24
CA ASP A 271 22.28 3.98 -9.93
C ASP A 271 21.77 5.22 -9.22
N ALA A 272 20.68 5.81 -9.73
CA ALA A 272 20.11 7.01 -9.11
C ALA A 272 19.48 6.67 -7.77
N HIS A 273 19.66 7.57 -6.81
CA HIS A 273 19.09 7.38 -5.49
C HIS A 273 17.59 7.53 -5.55
N ILE A 274 16.89 6.54 -4.99
CA ILE A 274 15.45 6.66 -4.91
C ILE A 274 15.12 7.45 -3.71
N ASP A 275 14.31 8.46 -3.89
CA ASP A 275 14.00 9.33 -2.78
C ASP A 275 12.48 9.48 -2.64
N GLU A 276 12.06 10.27 -1.65
CA GLU A 276 10.63 10.46 -1.46
C GLU A 276 10.19 11.77 -2.06
N CYS A 277 9.33 11.66 -3.04
CA CYS A 277 8.78 12.78 -3.77
C CYS A 277 7.73 12.26 -4.74
N ASN A 278 7.19 13.15 -5.55
CA ASN A 278 6.17 12.75 -6.50
C ASN A 278 6.52 13.21 -7.90
N SER A 279 6.56 12.27 -8.83
CA SER A 279 6.87 12.59 -10.21
C SER A 279 6.40 11.50 -11.15
N GLU A 280 5.64 11.90 -12.17
CA GLU A 280 5.03 10.99 -13.13
C GLU A 280 6.00 10.41 -14.17
N CYS A 281 7.15 11.08 -14.39
CA CYS A 281 8.15 10.64 -15.38
C CYS A 281 9.49 10.21 -14.77
N ILE A 282 9.91 8.96 -15.05
CA ILE A 282 11.18 8.45 -14.53
C ILE A 282 12.22 8.16 -15.62
N THR A 283 13.44 8.65 -15.44
CA THR A 283 14.52 8.29 -16.33
C THR A 283 15.63 7.64 -15.50
N PRO A 284 16.71 7.16 -16.13
CA PRO A 284 17.84 6.59 -15.44
C PRO A 284 18.64 7.65 -14.71
N ASN A 285 18.38 8.92 -15.09
CA ASN A 285 19.05 10.07 -14.53
C ASN A 285 18.21 10.70 -13.42
N GLY A 286 17.15 10.00 -13.00
CA GLY A 286 16.27 10.53 -11.99
C GLY A 286 14.94 10.91 -12.61
N SER A 287 13.99 11.27 -11.78
CA SER A 287 12.71 11.69 -12.28
C SER A 287 12.82 13.10 -12.84
N ILE A 288 11.93 13.44 -13.77
CA ILE A 288 11.89 14.77 -14.34
C ILE A 288 10.46 15.30 -14.42
N PRO A 289 10.32 16.61 -14.54
CA PRO A 289 9.02 17.26 -14.72
C PRO A 289 8.49 17.01 -16.11
N ASN A 290 7.21 16.70 -16.18
CA ASN A 290 6.55 16.49 -17.44
C ASN A 290 5.59 17.61 -17.79
N ASP A 291 5.96 18.84 -17.43
CA ASP A 291 5.12 19.99 -17.76
C ASP A 291 5.50 20.51 -19.16
N LYS A 292 6.66 20.08 -19.66
CA LYS A 292 7.13 20.45 -20.98
C LYS A 292 6.80 19.34 -21.96
N PRO A 293 6.87 19.61 -23.24
CA PRO A 293 6.45 18.67 -24.27
C PRO A 293 7.58 17.82 -24.75
N PHE A 294 8.79 18.32 -24.63
CA PHE A 294 9.97 17.58 -25.06
C PHE A 294 10.95 17.49 -23.92
N GLN A 295 11.93 16.61 -24.03
CA GLN A 295 12.96 16.53 -23.02
C GLN A 295 14.27 16.06 -23.60
N ASN A 296 15.35 16.43 -22.94
CA ASN A 296 16.66 16.08 -23.41
C ASN A 296 17.45 15.38 -22.36
N VAL A 297 16.76 14.76 -21.42
CA VAL A 297 17.45 14.11 -20.34
C VAL A 297 17.87 12.71 -20.76
N ASN A 298 16.93 11.91 -21.22
CA ASN A 298 17.30 10.55 -21.60
C ASN A 298 16.26 9.93 -22.51
N LYS A 299 16.73 9.27 -23.56
CA LYS A 299 15.90 8.51 -24.50
C LYS A 299 15.20 7.35 -23.81
N ILE A 300 15.70 6.95 -22.64
CA ILE A 300 15.11 5.92 -21.80
C ILE A 300 14.19 6.48 -20.71
N THR A 301 12.88 6.23 -20.83
CA THR A 301 11.94 6.78 -19.85
C THR A 301 10.84 5.81 -19.42
N TYR A 302 10.14 6.19 -18.36
CA TYR A 302 9.00 5.43 -17.89
C TYR A 302 7.89 6.34 -17.31
N GLY A 303 6.69 6.23 -17.86
CA GLY A 303 5.55 6.95 -17.32
C GLY A 303 5.16 8.11 -18.22
N ALA A 304 4.54 9.13 -17.63
CA ALA A 304 4.02 10.27 -18.40
C ALA A 304 5.14 11.22 -18.76
N CYS A 305 5.98 10.86 -19.70
CA CYS A 305 7.15 11.64 -20.03
C CYS A 305 6.98 12.49 -21.29
N PRO A 306 7.73 13.60 -21.40
CA PRO A 306 7.90 14.45 -22.57
C PRO A 306 8.61 13.66 -23.66
N ARG A 307 8.47 14.07 -24.90
CA ARG A 307 9.13 13.35 -25.97
C ARG A 307 10.61 13.62 -25.93
N TYR A 308 11.41 12.58 -25.99
CA TYR A 308 12.84 12.79 -26.12
C TYR A 308 13.20 13.38 -27.48
N VAL A 309 13.91 14.49 -27.44
CA VAL A 309 14.45 15.10 -28.65
C VAL A 309 15.94 15.31 -28.48
N LYS A 310 16.61 15.61 -29.59
CA LYS A 310 18.04 15.85 -29.57
C LYS A 310 18.40 17.25 -29.05
N GLN A 311 17.49 18.21 -29.24
CA GLN A 311 17.71 19.59 -28.80
C GLN A 311 17.79 19.73 -27.30
N ASN A 312 18.63 20.66 -26.83
CA ASN A 312 18.71 21.04 -25.42
C ASN A 312 17.79 22.23 -25.11
N THR A 313 17.37 22.94 -26.15
CA THR A 313 16.50 24.07 -25.97
C THR A 313 15.66 24.38 -27.20
N LEU A 314 14.42 24.75 -26.92
CA LEU A 314 13.48 25.21 -27.93
C LEU A 314 12.63 26.33 -27.35
N LYS A 315 12.88 27.57 -27.77
CA LYS A 315 12.09 28.68 -27.25
C LYS A 315 10.86 28.91 -28.09
N LEU A 316 9.71 28.84 -27.44
CA LEU A 316 8.44 29.13 -28.07
C LEU A 316 8.03 30.55 -27.74
N ALA A 317 7.92 31.39 -28.75
CA ALA A 317 7.61 32.80 -28.51
C ALA A 317 6.22 32.94 -27.96
N THR A 318 6.10 33.73 -26.90
CA THR A 318 4.82 34.02 -26.29
C THR A 318 4.50 35.51 -26.31
N GLY A 319 5.35 36.28 -26.97
CA GLY A 319 5.16 37.71 -27.09
C GLY A 319 5.43 38.18 -28.51
N MET A 320 5.51 39.48 -28.71
CA MET A 320 5.71 40.03 -30.03
C MET A 320 7.14 40.36 -30.29
N ARG A 321 7.42 40.79 -31.52
CA ARG A 321 8.74 41.25 -31.91
C ARG A 321 9.19 42.37 -30.99
N ASN A 322 10.28 42.16 -30.27
CA ASN A 322 10.70 43.16 -29.30
C ASN A 322 11.56 44.22 -29.94
N VAL A 323 11.04 45.44 -30.00
CA VAL A 323 11.79 46.55 -30.55
C VAL A 323 12.06 47.61 -29.48
N PRO A 324 13.20 47.53 -28.78
CA PRO A 324 13.60 48.46 -27.73
C PRO A 324 13.73 49.87 -28.28
N GLU A 325 13.67 50.86 -27.40
CA GLU A 325 13.72 52.25 -27.81
C GLU A 325 15.15 52.70 -28.16
N LYS A 326 16.12 52.43 -27.28
CA LYS A 326 17.52 52.77 -27.54
C LYS A 326 18.45 52.26 -26.42
N GLY B 1 7.99 42.00 -41.58
CA GLY B 1 6.98 42.07 -40.52
C GLY B 1 5.64 41.51 -40.97
N ILE B 2 5.52 41.16 -42.27
CA ILE B 2 4.29 40.59 -42.88
C ILE B 2 3.11 41.59 -42.97
N PHE B 3 2.70 42.18 -41.85
CA PHE B 3 1.71 43.24 -41.92
C PHE B 3 2.40 44.61 -41.92
N GLY B 4 3.72 44.60 -41.71
CA GLY B 4 4.56 45.77 -41.90
C GLY B 4 4.41 46.85 -40.83
N ALA B 5 3.93 46.48 -39.64
CA ALA B 5 3.71 47.48 -38.62
C ALA B 5 4.73 47.55 -37.49
N ILE B 6 5.07 46.40 -36.95
CA ILE B 6 6.02 46.31 -35.85
C ILE B 6 7.36 46.14 -36.50
N ALA B 7 8.26 47.08 -36.25
CA ALA B 7 9.55 47.17 -36.90
C ALA B 7 9.39 47.37 -38.41
N GLY B 8 8.29 48.02 -38.82
CA GLY B 8 7.99 48.26 -40.23
C GLY B 8 7.67 49.72 -40.50
N PHE B 9 6.63 50.24 -39.83
CA PHE B 9 6.34 51.66 -39.92
C PHE B 9 6.30 52.27 -38.53
N ILE B 10 6.11 51.43 -37.52
CA ILE B 10 6.30 51.87 -36.16
C ILE B 10 7.78 51.72 -35.84
N GLU B 11 8.39 52.81 -35.40
CA GLU B 11 9.83 52.82 -35.19
C GLU B 11 10.26 52.01 -33.99
N ASN B 12 9.62 52.25 -32.85
CA ASN B 12 9.98 51.57 -31.62
C ASN B 12 8.77 51.06 -30.87
N GLY B 13 9.01 50.11 -29.99
CA GLY B 13 8.01 49.69 -29.05
C GLY B 13 8.17 50.52 -27.81
N TRP B 14 7.10 50.63 -27.05
CA TRP B 14 7.04 51.47 -25.88
C TRP B 14 7.43 50.70 -24.62
N GLU B 15 8.67 50.88 -24.17
CA GLU B 15 9.18 50.16 -23.00
C GLU B 15 8.46 50.60 -21.73
N GLY B 16 7.93 51.82 -21.75
CA GLY B 16 7.22 52.36 -20.61
C GLY B 16 5.72 52.03 -20.61
N MET B 17 5.24 51.25 -21.59
CA MET B 17 3.84 50.87 -21.55
C MET B 17 3.71 49.47 -20.97
N VAL B 18 3.48 49.41 -19.65
CA VAL B 18 3.45 48.15 -18.93
C VAL B 18 2.08 47.84 -18.37
N ASP B 19 1.04 48.41 -18.97
CA ASP B 19 -0.32 48.13 -18.58
C ASP B 19 -1.12 47.52 -19.73
N GLY B 20 -0.40 47.10 -20.78
CA GLY B 20 -1.01 46.51 -21.95
C GLY B 20 0.05 46.25 -23.02
N TRP B 21 -0.38 45.75 -24.16
CA TRP B 21 0.52 45.40 -25.25
C TRP B 21 0.42 46.44 -26.33
N TYR B 22 -0.80 46.86 -26.60
CA TYR B 22 -1.05 47.89 -27.60
C TYR B 22 -1.72 49.06 -26.92
N GLY B 23 -1.52 50.27 -27.45
CA GLY B 23 -2.11 51.43 -26.80
C GLY B 23 -1.95 52.75 -27.55
N PHE B 24 -2.36 53.82 -26.87
CA PHE B 24 -2.37 55.17 -27.41
C PHE B 24 -1.48 56.14 -26.63
N ARG B 25 -0.85 57.05 -27.35
CA ARG B 25 0.00 58.07 -26.77
C ARG B 25 -0.33 59.39 -27.46
N HIS B 26 -0.59 60.45 -26.71
CA HIS B 26 -1.13 61.67 -27.35
C HIS B 26 -0.58 62.99 -26.84
N GLN B 27 -0.80 64.05 -27.62
CA GLN B 27 -0.47 65.41 -27.23
C GLN B 27 -1.52 66.40 -27.72
N ASN B 28 -1.95 67.28 -26.81
CA ASN B 28 -2.94 68.29 -27.13
C ASN B 28 -2.71 69.54 -26.27
N SER B 29 -3.65 70.47 -26.32
CA SER B 29 -3.58 71.72 -25.56
C SER B 29 -3.50 71.52 -24.03
N GLU B 30 -3.95 70.36 -23.54
CA GLU B 30 -3.94 70.06 -22.12
C GLU B 30 -2.75 69.18 -21.70
N GLY B 31 -1.78 69.01 -22.61
CA GLY B 31 -0.57 68.27 -22.27
C GLY B 31 -0.46 66.94 -23.02
N THR B 32 0.29 66.01 -22.43
CA THR B 32 0.52 64.70 -23.04
C THR B 32 0.01 63.58 -22.15
N GLY B 33 -0.25 62.42 -22.76
CA GLY B 33 -0.71 61.27 -21.98
C GLY B 33 -0.54 59.94 -22.71
N GLN B 34 -0.86 58.86 -22.01
CA GLN B 34 -0.70 57.51 -22.55
C GLN B 34 -1.60 56.51 -21.84
N ALA B 35 -2.24 55.62 -22.61
CA ALA B 35 -3.11 54.59 -22.03
C ALA B 35 -3.24 53.40 -22.97
N ALA B 36 -3.32 52.20 -22.39
CA ALA B 36 -3.39 50.97 -23.18
C ALA B 36 -4.77 50.68 -23.76
N ASP B 37 -4.77 49.98 -24.90
CA ASP B 37 -5.95 49.47 -25.55
C ASP B 37 -6.14 48.00 -25.21
N LEU B 38 -7.09 47.72 -24.33
CA LEU B 38 -7.27 46.39 -23.78
C LEU B 38 -7.89 45.41 -24.76
N LYS B 39 -8.57 45.90 -25.80
CA LYS B 39 -9.16 45.01 -26.79
C LYS B 39 -8.10 44.25 -27.58
N SER B 40 -7.22 44.99 -28.25
CA SER B 40 -6.20 44.38 -29.09
C SER B 40 -5.15 43.69 -28.25
N THR B 41 -4.87 44.21 -27.05
CA THR B 41 -3.97 43.55 -26.13
C THR B 41 -4.46 42.16 -25.80
N GLN B 42 -5.72 42.10 -25.37
CA GLN B 42 -6.30 40.83 -24.97
C GLN B 42 -6.43 39.87 -26.15
N ALA B 43 -6.74 40.38 -27.34
CA ALA B 43 -6.85 39.54 -28.54
C ALA B 43 -5.55 38.79 -28.83
N ALA B 44 -4.42 39.49 -28.81
CA ALA B 44 -3.13 38.86 -29.04
C ALA B 44 -2.85 37.81 -27.98
N ILE B 45 -3.09 38.18 -26.73
CA ILE B 45 -2.90 37.28 -25.62
C ILE B 45 -3.76 36.03 -25.71
N ASN B 46 -5.02 36.18 -26.10
CA ASN B 46 -5.91 35.03 -26.24
C ASN B 46 -5.42 34.04 -27.29
N GLN B 47 -4.99 34.57 -28.44
CA GLN B 47 -4.50 33.71 -29.51
C GLN B 47 -3.25 32.95 -29.06
N ILE B 48 -2.32 33.65 -28.43
CA ILE B 48 -1.11 33.03 -27.97
C ILE B 48 -1.35 32.04 -26.85
N THR B 49 -2.19 32.40 -25.88
CA THR B 49 -2.52 31.47 -24.82
C THR B 49 -3.14 30.22 -25.39
N GLY B 50 -3.99 30.39 -26.41
CA GLY B 50 -4.66 29.27 -27.04
C GLY B 50 -3.66 28.30 -27.63
N LYS B 51 -2.73 28.80 -28.45
CA LYS B 51 -1.73 27.92 -29.08
C LYS B 51 -0.75 27.38 -28.07
N LEU B 52 -0.51 28.13 -27.02
CA LEU B 52 0.39 27.71 -25.98
C LEU B 52 -0.19 26.51 -25.24
N ASN B 53 -1.47 26.61 -24.89
CA ASN B 53 -2.21 25.53 -24.25
C ASN B 53 -2.25 24.31 -25.12
N ARG B 54 -2.41 24.57 -26.42
CA ARG B 54 -2.55 23.53 -27.40
C ARG B 54 -1.24 22.79 -27.61
N VAL B 55 -0.10 23.50 -27.61
CA VAL B 55 1.20 22.84 -27.67
C VAL B 55 1.49 22.05 -26.41
N ILE B 56 1.29 22.70 -25.28
CA ILE B 56 1.64 22.11 -23.99
C ILE B 56 0.53 21.28 -23.39
N LYS B 57 0.38 20.10 -23.94
CA LYS B 57 -0.52 19.11 -23.37
C LYS B 57 0.23 17.80 -23.30
N LYS B 58 -0.16 16.94 -22.38
CA LYS B 58 0.63 15.75 -22.11
C LYS B 58 0.36 14.63 -23.10
N THR B 59 1.17 13.57 -23.02
CA THR B 59 1.01 12.39 -23.85
C THR B 59 0.71 11.17 -22.99
N ASN B 60 0.60 10.02 -23.65
CA ASN B 60 0.24 8.79 -22.98
C ASN B 60 1.39 8.29 -22.11
N GLU B 61 1.06 7.67 -20.99
CA GLU B 61 2.12 7.06 -20.23
C GLU B 61 2.71 6.00 -21.13
N LYS B 62 4.02 5.88 -21.12
CA LYS B 62 4.67 4.82 -21.87
C LYS B 62 5.40 3.91 -20.92
N PHE B 63 5.09 2.65 -21.02
CA PHE B 63 5.51 1.66 -20.08
C PHE B 63 6.66 0.66 -19.98
N HIS B 64 6.75 -0.20 -21.00
CA HIS B 64 7.80 -1.17 -21.06
C HIS B 64 8.00 -1.04 -22.54
N GLN B 65 9.15 -0.52 -22.91
CA GLN B 65 9.45 -0.30 -24.31
C GLN B 65 10.64 -1.25 -24.54
N ILE B 66 11.52 -0.90 -25.49
CA ILE B 66 12.72 -1.68 -25.79
C ILE B 66 14.00 -1.19 -25.12
N GLU B 67 15.04 -2.01 -25.12
CA GLU B 67 16.29 -1.53 -24.55
C GLU B 67 16.98 -0.59 -25.54
N LYS B 68 17.62 0.44 -25.02
CA LYS B 68 18.18 1.47 -25.89
C LYS B 68 19.66 1.67 -25.62
N GLU B 69 20.17 0.97 -24.61
CA GLU B 69 21.59 0.91 -24.34
C GLU B 69 21.95 -0.56 -24.19
N PHE B 70 23.06 -0.99 -24.78
CA PHE B 70 23.41 -2.40 -24.74
C PHE B 70 24.81 -2.63 -24.21
N SER B 71 24.93 -3.57 -23.29
CA SER B 71 26.21 -3.84 -22.64
C SER B 71 27.09 -4.82 -23.41
N GLU B 72 26.49 -5.57 -24.33
CA GLU B 72 27.22 -6.55 -25.11
C GLU B 72 26.94 -6.40 -26.59
N VAL B 73 27.85 -6.89 -27.41
CA VAL B 73 27.68 -6.91 -28.85
C VAL B 73 26.77 -8.07 -29.25
N GLU B 74 25.67 -7.77 -29.92
CA GLU B 74 24.76 -8.82 -30.34
C GLU B 74 24.51 -8.87 -31.83
N GLY B 75 24.95 -7.82 -32.54
CA GLY B 75 24.77 -7.76 -33.97
C GLY B 75 23.31 -7.50 -34.36
N ARG B 76 22.83 -8.22 -35.39
CA ARG B 76 21.59 -7.94 -36.11
C ARG B 76 20.30 -7.54 -35.39
N ILE B 77 20.09 -8.07 -34.20
CA ILE B 77 18.83 -7.78 -33.52
C ILE B 77 19.02 -6.49 -32.76
N GLN B 78 20.26 -6.21 -32.36
CA GLN B 78 20.62 -5.01 -31.65
C GLN B 78 20.71 -3.86 -32.60
N ASP B 79 21.24 -4.16 -33.79
CA ASP B 79 21.40 -3.20 -34.86
C ASP B 79 20.06 -2.56 -35.17
N LEU B 80 19.03 -3.43 -35.25
CA LEU B 80 17.66 -3.02 -35.51
C LEU B 80 17.04 -2.24 -34.37
N GLU B 81 17.20 -2.73 -33.15
CA GLU B 81 16.71 -2.01 -31.98
C GLU B 81 17.28 -0.60 -31.89
N LYS B 82 18.57 -0.48 -32.21
CA LYS B 82 19.21 0.81 -32.22
C LYS B 82 18.68 1.67 -33.36
N TYR B 83 18.56 1.07 -34.54
CA TYR B 83 18.06 1.74 -35.73
C TYR B 83 16.65 2.30 -35.57
N VAL B 84 15.76 1.50 -34.98
CA VAL B 84 14.39 1.92 -34.72
C VAL B 84 14.35 3.11 -33.82
N GLU B 85 15.07 3.03 -32.70
CA GLU B 85 15.05 4.12 -31.77
C GLU B 85 15.65 5.38 -32.35
N ASP B 86 16.75 5.22 -33.07
CA ASP B 86 17.38 6.38 -33.61
C ASP B 86 16.46 7.08 -34.59
N THR B 87 15.83 6.28 -35.47
CA THR B 87 14.88 6.78 -36.45
C THR B 87 13.81 7.63 -35.80
N LYS B 88 13.23 7.07 -34.75
CA LYS B 88 12.21 7.71 -33.96
C LYS B 88 12.61 9.07 -33.46
N ILE B 89 13.79 9.13 -32.84
CA ILE B 89 14.29 10.34 -32.25
C ILE B 89 14.52 11.45 -33.26
N ASP B 90 15.08 11.10 -34.41
CA ASP B 90 15.31 12.08 -35.47
C ASP B 90 14.01 12.71 -35.92
N LEU B 91 13.00 11.87 -36.13
CA LEU B 91 11.66 12.31 -36.53
C LEU B 91 10.96 13.17 -35.50
N TRP B 92 11.08 12.83 -34.24
CA TRP B 92 10.49 13.62 -33.19
C TRP B 92 11.19 14.94 -32.96
N SER B 93 12.51 14.94 -33.11
CA SER B 93 13.30 16.15 -33.02
C SER B 93 12.93 17.07 -34.15
N TYR B 94 12.76 16.51 -35.35
CA TYR B 94 12.35 17.28 -36.50
C TYR B 94 11.03 17.96 -36.29
N ASN B 95 10.04 17.18 -35.84
CA ASN B 95 8.71 17.70 -35.63
C ASN B 95 8.75 18.87 -34.67
N ALA B 96 9.47 18.69 -33.56
CA ALA B 96 9.64 19.73 -32.56
C ALA B 96 10.25 20.98 -33.16
N GLU B 97 11.34 20.79 -33.90
CA GLU B 97 12.05 21.91 -34.48
C GLU B 97 11.17 22.73 -35.39
N LEU B 98 10.43 22.02 -36.25
CA LEU B 98 9.52 22.62 -37.21
C LEU B 98 8.36 23.29 -36.55
N LEU B 99 7.77 22.62 -35.54
CA LEU B 99 6.68 23.15 -34.75
C LEU B 99 6.99 24.51 -34.20
N VAL B 100 8.11 24.61 -33.51
CA VAL B 100 8.53 25.87 -32.94
C VAL B 100 8.70 26.94 -34.00
N ALA B 101 9.37 26.60 -35.09
CA ALA B 101 9.57 27.51 -36.21
C ALA B 101 8.26 28.09 -36.75
N LEU B 102 7.32 27.22 -37.11
CA LEU B 102 6.03 27.63 -37.65
C LEU B 102 5.27 28.48 -36.65
N GLU B 103 5.19 27.99 -35.41
CA GLU B 103 4.46 28.65 -34.34
C GLU B 103 5.00 30.04 -34.09
N ASN B 104 6.32 30.15 -33.98
CA ASN B 104 6.98 31.43 -33.72
C ASN B 104 6.80 32.41 -34.83
N GLN B 105 6.94 31.96 -36.07
CA GLN B 105 6.72 32.83 -37.19
C GLN B 105 5.29 33.34 -37.13
N HIS B 106 4.35 32.44 -36.84
CA HIS B 106 2.93 32.81 -36.76
C HIS B 106 2.62 33.79 -35.64
N THR B 107 3.24 33.60 -34.48
CA THR B 107 3.11 34.50 -33.33
C THR B 107 3.64 35.88 -33.63
N ILE B 108 4.82 35.93 -34.25
CA ILE B 108 5.38 37.18 -34.72
C ILE B 108 4.36 37.91 -35.62
N ASP B 109 3.80 37.14 -36.56
CA ASP B 109 2.91 37.69 -37.56
C ASP B 109 1.51 38.02 -37.06
N LEU B 110 0.97 37.24 -36.11
CA LEU B 110 -0.37 37.55 -35.61
C LEU B 110 -0.34 38.78 -34.71
N THR B 111 0.78 39.00 -34.01
CA THR B 111 0.86 40.19 -33.20
C THR B 111 1.03 41.42 -34.08
N ASP B 112 1.67 41.24 -35.24
CA ASP B 112 1.76 42.32 -36.20
C ASP B 112 0.40 42.60 -36.79
N SER B 113 -0.41 41.55 -36.96
CA SER B 113 -1.78 41.71 -37.41
C SER B 113 -2.56 42.56 -36.47
N GLU B 114 -2.47 42.29 -35.16
CA GLU B 114 -3.23 43.04 -34.16
C GLU B 114 -2.84 44.52 -34.13
N MET B 115 -1.56 44.82 -34.35
CA MET B 115 -1.12 46.21 -34.45
C MET B 115 -1.82 46.97 -35.59
N SER B 116 -1.80 46.40 -36.79
CA SER B 116 -2.45 47.07 -37.92
C SER B 116 -3.95 47.07 -37.77
N LYS B 117 -4.51 46.04 -37.13
CA LYS B 117 -5.94 45.98 -36.92
C LYS B 117 -6.38 47.16 -36.06
N LEU B 118 -5.62 47.47 -35.02
CA LEU B 118 -5.91 48.61 -34.16
C LEU B 118 -5.77 49.92 -34.93
N PHE B 119 -4.70 50.06 -35.69
CA PHE B 119 -4.46 51.26 -36.47
C PHE B 119 -5.58 51.56 -37.46
N GLU B 120 -6.03 50.53 -38.17
CA GLU B 120 -7.08 50.67 -39.16
C GLU B 120 -8.42 50.96 -38.52
N ARG B 121 -8.69 50.36 -37.35
CA ARG B 121 -9.89 50.65 -36.59
C ARG B 121 -9.99 52.13 -36.25
N THR B 122 -8.87 52.71 -35.81
CA THR B 122 -8.79 54.14 -35.52
C THR B 122 -8.89 55.00 -36.78
N ARG B 123 -8.17 54.63 -37.85
CA ARG B 123 -8.20 55.40 -39.08
C ARG B 123 -9.63 55.54 -39.61
N ARG B 124 -10.41 54.45 -39.55
CA ARG B 124 -11.81 54.49 -39.94
C ARG B 124 -12.64 55.32 -38.96
N GLN B 125 -12.40 55.15 -37.65
CA GLN B 125 -13.07 55.92 -36.59
C GLN B 125 -13.01 57.42 -36.86
N LEU B 126 -11.82 57.90 -37.25
CA LEU B 126 -11.57 59.32 -37.45
C LEU B 126 -12.02 59.89 -38.80
N ARG B 127 -12.50 59.04 -39.70
CA ARG B 127 -13.01 59.50 -41.00
C ARG B 127 -12.08 60.51 -41.69
N GLU B 128 -12.59 61.73 -41.91
CA GLU B 128 -11.85 62.81 -42.59
C GLU B 128 -11.29 63.89 -41.65
N ASN B 129 -11.25 63.59 -40.36
CA ASN B 129 -10.86 64.59 -39.38
C ASN B 129 -9.37 64.56 -39.00
N ALA B 130 -8.62 63.59 -39.54
CA ALA B 130 -7.21 63.44 -39.22
C ALA B 130 -6.45 62.78 -40.37
N GLU B 131 -5.13 62.97 -40.41
CA GLU B 131 -4.31 62.39 -41.49
C GLU B 131 -3.19 61.47 -40.99
N ASP B 132 -2.91 60.43 -41.77
CA ASP B 132 -1.85 59.46 -41.44
C ASP B 132 -0.47 60.09 -41.65
N MET B 133 0.26 60.31 -40.55
CA MET B 133 1.57 60.95 -40.61
C MET B 133 2.70 60.01 -41.09
N GLY B 134 2.42 58.71 -41.20
CA GLY B 134 3.40 57.76 -41.73
C GLY B 134 4.11 56.89 -40.67
N ASN B 135 4.26 57.42 -39.47
CA ASN B 135 5.02 56.74 -38.43
C ASN B 135 4.16 56.03 -37.40
N GLY B 136 2.90 55.79 -37.72
CA GLY B 136 2.00 55.18 -36.75
C GLY B 136 1.23 56.22 -35.93
N CYS B 137 1.43 57.51 -36.27
CA CYS B 137 0.69 58.61 -35.62
C CYS B 137 -0.26 59.30 -36.61
N PHE B 138 -1.32 59.89 -36.06
CA PHE B 138 -2.29 60.67 -36.82
C PHE B 138 -2.20 62.15 -36.47
N LYS B 139 -2.43 63.00 -37.47
CA LYS B 139 -2.49 64.44 -37.25
C LYS B 139 -3.94 64.84 -37.16
N ILE B 140 -4.35 65.30 -36.01
CA ILE B 140 -5.74 65.68 -35.81
C ILE B 140 -5.92 67.15 -36.17
N TYR B 141 -6.85 67.42 -37.07
CA TYR B 141 -7.05 68.77 -37.56
C TYR B 141 -8.10 69.59 -36.83
N HIS B 142 -8.37 69.26 -35.58
CA HIS B 142 -9.28 70.04 -34.78
C HIS B 142 -8.83 70.02 -33.33
N LYS B 143 -9.34 70.95 -32.54
CA LYS B 143 -9.00 70.90 -31.12
C LYS B 143 -9.54 69.63 -30.54
N CYS B 144 -8.68 68.91 -29.85
CA CYS B 144 -9.07 67.65 -29.26
C CYS B 144 -8.42 67.53 -27.91
N ASP B 145 -9.17 67.93 -26.89
CA ASP B 145 -8.72 67.93 -25.50
C ASP B 145 -8.67 66.51 -24.95
N ASN B 146 -8.33 66.37 -23.67
CA ASN B 146 -8.22 65.04 -23.08
C ASN B 146 -9.53 64.26 -23.13
N ALA B 147 -10.67 64.94 -22.97
CA ALA B 147 -11.97 64.30 -23.04
C ALA B 147 -12.24 63.77 -24.45
N CYS B 148 -11.91 64.57 -25.46
CA CYS B 148 -11.99 64.20 -26.87
C CYS B 148 -11.16 62.96 -27.16
N ILE B 149 -9.89 62.96 -26.74
CA ILE B 149 -9.03 61.80 -26.92
C ILE B 149 -9.64 60.56 -26.28
N GLY B 150 -10.24 60.74 -25.09
CA GLY B 150 -10.94 59.67 -24.37
C GLY B 150 -12.28 59.24 -25.01
N SER B 151 -12.66 59.85 -26.14
CA SER B 151 -13.80 59.37 -26.90
C SER B 151 -13.28 58.60 -28.11
N ILE B 152 -12.10 58.97 -28.60
CA ILE B 152 -11.48 58.21 -29.68
C ILE B 152 -11.11 56.82 -29.16
N ARG B 153 -10.30 56.78 -28.09
CA ARG B 153 -10.08 55.51 -27.42
C ARG B 153 -11.39 55.26 -26.71
N ASN B 154 -11.86 54.03 -26.67
CA ASN B 154 -13.18 53.79 -26.11
C ASN B 154 -14.30 53.94 -27.14
N GLY B 155 -13.92 54.23 -28.38
CA GLY B 155 -14.87 54.23 -29.51
C GLY B 155 -16.22 54.92 -29.35
N THR B 156 -16.22 56.13 -28.77
CA THR B 156 -17.45 56.91 -28.62
C THR B 156 -17.28 58.25 -29.34
N TYR B 157 -16.40 58.28 -30.34
CA TYR B 157 -16.08 59.48 -31.09
C TYR B 157 -16.97 59.69 -32.30
N ASP B 158 -17.87 60.67 -32.18
CA ASP B 158 -18.70 61.11 -33.29
C ASP B 158 -17.92 62.13 -34.09
N HIS B 159 -17.48 61.73 -35.27
CA HIS B 159 -16.65 62.59 -36.09
C HIS B 159 -17.42 63.79 -36.65
N ASP B 160 -18.75 63.65 -36.76
CA ASP B 160 -19.56 64.60 -37.51
C ASP B 160 -19.62 65.98 -36.87
N ILE B 161 -19.50 66.02 -35.53
CA ILE B 161 -19.54 67.27 -34.81
C ILE B 161 -18.20 68.01 -34.83
N TYR B 162 -17.16 67.37 -35.34
CA TYR B 162 -15.86 68.00 -35.47
C TYR B 162 -15.53 68.25 -36.94
N ARG B 163 -16.19 67.47 -37.79
CA ARG B 163 -16.01 67.47 -39.24
C ARG B 163 -15.85 68.86 -39.84
N ASN B 164 -16.75 69.77 -39.49
CA ASN B 164 -16.75 71.12 -40.05
C ASN B 164 -15.42 71.85 -39.81
N GLU B 165 -14.98 71.87 -38.54
CA GLU B 165 -13.74 72.50 -38.13
C GLU B 165 -12.55 71.88 -38.83
N ALA B 166 -12.52 70.54 -38.81
CA ALA B 166 -11.42 69.78 -39.37
C ALA B 166 -11.23 70.07 -40.85
N LEU B 167 -12.32 70.07 -41.61
CA LEU B 167 -12.26 70.34 -43.04
C LEU B 167 -11.65 71.70 -43.35
N ASN B 168 -12.08 72.72 -42.59
CA ASN B 168 -11.53 74.07 -42.77
C ASN B 168 -10.05 74.13 -42.45
N ASN B 169 -9.62 73.39 -41.43
CA ASN B 169 -8.20 73.36 -41.06
C ASN B 169 -7.36 72.57 -42.07
N ARG B 170 -7.94 71.53 -42.66
CA ARG B 170 -7.24 70.70 -43.64
C ARG B 170 -7.04 71.37 -45.00
N PHE B 171 -8.01 72.17 -45.43
CA PHE B 171 -7.96 72.72 -46.79
C PHE B 171 -7.56 74.18 -47.03
N GLN B 172 -6.62 74.67 -46.23
CA GLN B 172 -6.03 76.00 -46.43
C GLN B 172 -4.75 76.01 -47.24
N ILE B 173 -4.23 77.21 -47.49
CA ILE B 173 -2.98 77.37 -48.20
C ILE B 173 -1.88 77.85 -47.26
N LYS B 174 -0.65 77.88 -47.77
CA LYS B 174 0.52 78.28 -46.98
C LYS B 174 1.49 79.14 -47.81
N GLN C 1 8.58 -27.73 21.05
CA GLN C 1 8.14 -27.06 22.28
C GLN C 1 8.98 -25.83 22.58
N VAL C 2 8.30 -24.81 23.09
CA VAL C 2 8.92 -23.56 23.50
C VAL C 2 8.06 -22.63 24.33
N GLN C 3 6.77 -22.53 24.00
CA GLN C 3 5.87 -21.55 24.59
C GLN C 3 6.32 -20.10 24.41
N LEU C 4 6.45 -19.69 23.14
CA LEU C 4 6.98 -18.37 22.78
C LEU C 4 6.54 -17.21 23.67
N VAL C 5 7.51 -16.41 24.13
CA VAL C 5 7.22 -15.32 25.07
C VAL C 5 7.50 -13.94 24.52
N GLN C 6 6.47 -13.17 24.33
CA GLN C 6 6.61 -11.83 23.74
C GLN C 6 6.68 -10.73 24.78
N SER C 7 6.85 -9.49 24.31
CA SER C 7 6.82 -8.29 25.13
C SER C 7 5.43 -7.95 25.61
N GLY C 8 5.34 -6.92 26.43
CA GLY C 8 4.06 -6.49 26.97
C GLY C 8 3.42 -5.48 26.06
N ALA C 9 2.16 -5.14 26.36
CA ALA C 9 1.37 -4.23 25.56
C ALA C 9 1.98 -2.84 25.58
N GLU C 10 1.86 -2.15 24.46
CA GLU C 10 2.47 -0.84 24.27
C GLU C 10 1.47 0.22 23.87
N VAL C 11 1.87 1.47 24.03
CA VAL C 11 1.12 2.59 23.52
C VAL C 11 2.08 3.54 22.86
N LYS C 12 1.82 3.84 21.61
CA LYS C 12 2.67 4.71 20.83
C LYS C 12 1.84 5.76 20.15
N LYS C 13 2.45 6.90 19.87
CA LYS C 13 1.74 7.91 19.13
C LYS C 13 2.09 7.73 17.67
N PRO C 14 1.30 8.30 16.77
CA PRO C 14 1.51 8.22 15.35
C PRO C 14 2.86 8.85 15.04
N GLY C 15 3.61 8.17 14.18
CA GLY C 15 4.95 8.61 13.84
C GLY C 15 6.01 8.02 14.75
N SER C 16 5.61 7.26 15.76
CA SER C 16 6.58 6.66 16.67
C SER C 16 6.90 5.23 16.22
N SER C 17 7.67 4.52 17.03
CA SER C 17 8.09 3.17 16.68
C SER C 17 8.03 2.15 17.82
N VAL C 18 7.73 0.89 17.47
CA VAL C 18 7.74 -0.20 18.46
C VAL C 18 8.95 -1.11 18.29
N ARG C 19 9.06 -2.08 19.18
CA ARG C 19 10.07 -3.11 19.14
C ARG C 19 9.27 -4.08 19.99
N VAL C 20 9.04 -5.27 19.47
CA VAL C 20 8.19 -6.23 20.16
C VAL C 20 9.07 -7.47 20.10
N SER C 21 9.42 -8.04 21.25
CA SER C 21 10.29 -9.20 21.28
C SER C 21 9.52 -10.50 21.18
N CYS C 22 10.26 -11.61 21.14
CA CYS C 22 9.70 -12.96 21.06
C CYS C 22 10.93 -13.69 21.58
N LYS C 23 10.71 -14.61 22.52
CA LYS C 23 11.80 -15.33 23.15
C LYS C 23 11.46 -16.77 22.83
N ALA C 24 12.45 -17.46 22.27
CA ALA C 24 12.30 -18.79 21.75
C ALA C 24 13.18 -19.81 22.48
N SER C 25 13.01 -21.08 22.11
CA SER C 25 13.86 -22.17 22.62
C SER C 25 15.07 -22.28 21.72
N GLY C 26 16.10 -22.99 22.16
CA GLY C 26 17.30 -23.14 21.36
C GLY C 26 16.97 -23.79 20.02
N ASP C 27 16.10 -24.79 20.06
CA ASP C 27 15.67 -25.49 18.86
C ASP C 27 14.85 -24.58 17.97
N THR C 28 13.87 -23.90 18.55
CA THR C 28 13.00 -22.99 17.82
C THR C 28 13.76 -21.92 17.10
N PHE C 29 14.73 -21.36 17.79
CA PHE C 29 15.53 -20.28 17.27
C PHE C 29 16.53 -20.74 16.18
N SER C 30 17.26 -21.82 16.42
CA SER C 30 18.31 -22.23 15.48
C SER C 30 17.90 -23.27 14.43
N SER C 31 16.69 -23.81 14.49
CA SER C 31 16.30 -24.78 13.46
C SER C 31 14.85 -24.62 12.99
N TYR C 32 14.23 -23.49 13.35
CA TYR C 32 12.91 -23.13 12.83
C TYR C 32 12.87 -21.66 12.44
N SER C 33 11.75 -21.24 11.85
CA SER C 33 11.58 -19.84 11.45
C SER C 33 10.61 -19.15 12.35
N ILE C 34 10.76 -17.85 12.47
CA ILE C 34 9.85 -17.04 13.27
C ILE C 34 9.11 -16.05 12.40
N THR C 35 7.83 -15.97 12.61
CA THR C 35 6.93 -15.14 11.83
C THR C 35 6.18 -14.14 12.69
N TRP C 36 5.88 -12.99 12.12
CA TRP C 36 4.98 -12.06 12.78
C TRP C 36 3.66 -11.97 12.03
N VAL C 37 2.56 -12.07 12.76
CA VAL C 37 1.20 -11.99 12.22
C VAL C 37 0.41 -11.04 13.09
N ARG C 38 -0.35 -10.16 12.50
CA ARG C 38 -1.08 -9.28 13.38
C ARG C 38 -2.58 -9.44 13.16
N GLN C 39 -3.35 -8.96 14.11
CA GLN C 39 -4.78 -9.15 14.05
C GLN C 39 -5.58 -7.94 14.49
N ALA C 40 -6.62 -7.64 13.75
CA ALA C 40 -7.49 -6.55 14.14
C ALA C 40 -8.88 -6.73 13.53
N PRO C 41 -9.84 -5.90 13.93
CA PRO C 41 -11.17 -5.83 13.35
C PRO C 41 -11.06 -5.40 11.88
N GLY C 42 -11.57 -6.26 11.00
CA GLY C 42 -11.51 -6.00 9.56
C GLY C 42 -10.25 -6.59 8.91
N HIS C 43 -9.34 -7.10 9.74
CA HIS C 43 -8.08 -7.69 9.29
C HIS C 43 -7.89 -9.01 9.98
N GLY C 44 -8.80 -9.96 9.68
CA GLY C 44 -8.87 -11.29 10.32
C GLY C 44 -7.56 -11.86 10.79
N LEU C 45 -6.57 -11.88 9.91
CA LEU C 45 -5.20 -12.18 10.25
C LEU C 45 -4.33 -11.65 9.12
N GLN C 46 -3.30 -10.88 9.44
CA GLN C 46 -2.38 -10.35 8.43
C GLN C 46 -0.97 -10.85 8.62
N TRP C 47 -0.51 -11.71 7.74
CA TRP C 47 0.88 -12.12 7.77
C TRP C 47 1.81 -10.92 7.50
N MET C 48 2.69 -10.65 8.45
CA MET C 48 3.72 -9.64 8.29
C MET C 48 4.96 -10.42 7.94
N GLY C 49 6.10 -9.79 7.81
CA GLY C 49 7.32 -10.54 7.51
C GLY C 49 7.72 -11.74 8.43
N GLY C 50 8.65 -12.55 7.94
CA GLY C 50 9.21 -13.66 8.68
C GLY C 50 10.75 -13.72 8.59
N ILE C 51 11.35 -14.50 9.49
CA ILE C 51 12.79 -14.61 9.57
C ILE C 51 13.28 -16.00 9.92
N PHE C 52 14.44 -16.33 9.39
CA PHE C 52 15.17 -17.53 9.75
C PHE C 52 16.39 -17.11 10.54
N PRO C 53 16.31 -17.03 11.89
CA PRO C 53 17.33 -16.55 12.81
C PRO C 53 18.67 -17.24 12.55
N ILE C 54 18.56 -18.53 12.19
CA ILE C 54 19.68 -19.40 11.78
C ILE C 54 20.53 -18.89 10.62
N PHE C 55 19.95 -18.07 9.76
CA PHE C 55 20.64 -17.51 8.60
C PHE C 55 20.69 -15.99 8.70
N GLY C 56 19.72 -15.42 9.42
CA GLY C 56 19.56 -13.98 9.52
C GLY C 56 18.78 -13.45 8.31
N SER C 57 18.23 -14.37 7.51
CA SER C 57 17.58 -14.00 6.27
C SER C 57 16.11 -13.67 6.50
N THR C 58 15.61 -12.71 5.72
CA THR C 58 14.25 -12.22 5.91
C THR C 58 13.43 -12.16 4.63
N ASN C 59 12.13 -12.04 4.82
CA ASN C 59 11.17 -11.76 3.77
C ASN C 59 10.05 -10.99 4.39
N TYR C 60 9.75 -9.81 3.86
CA TYR C 60 8.73 -8.98 4.45
C TYR C 60 7.55 -8.85 3.51
N ALA C 61 6.40 -8.46 4.06
CA ALA C 61 5.25 -8.18 3.23
C ALA C 61 5.36 -6.74 2.73
N GLN C 62 4.97 -6.49 1.48
CA GLN C 62 5.12 -5.14 0.93
C GLN C 62 4.35 -4.09 1.68
N LYS C 63 3.22 -4.47 2.22
CA LYS C 63 2.38 -3.57 3.00
C LYS C 63 3.15 -2.82 4.10
N PHE C 64 4.15 -3.48 4.70
CA PHE C 64 4.88 -2.92 5.83
C PHE C 64 6.33 -2.74 5.45
N ASP C 65 6.63 -2.70 4.17
CA ASP C 65 8.01 -2.74 3.76
C ASP C 65 8.66 -1.37 3.92
N ASP C 66 9.96 -1.40 4.21
CA ASP C 66 10.73 -0.22 4.57
C ASP C 66 10.05 0.52 5.73
N ARG C 67 9.77 -0.25 6.79
CA ARG C 67 9.10 0.17 8.03
C ARG C 67 9.32 -0.93 9.02
N LEU C 68 8.86 -2.13 8.64
CA LEU C 68 9.06 -3.34 9.41
C LEU C 68 10.44 -3.91 9.27
N THR C 69 11.12 -4.01 10.40
CA THR C 69 12.41 -4.66 10.46
C THR C 69 12.33 -5.85 11.41
N ILE C 70 12.86 -6.99 10.99
CA ILE C 70 12.92 -8.15 11.90
C ILE C 70 14.37 -8.56 12.19
N THR C 71 14.73 -8.42 13.47
CA THR C 71 16.11 -8.61 13.92
C THR C 71 16.17 -9.71 14.97
N THR C 72 17.36 -10.22 15.28
CA THR C 72 17.44 -11.19 16.35
C THR C 72 18.65 -10.95 17.28
N ASP C 73 18.59 -11.60 18.44
CA ASP C 73 19.65 -11.61 19.43
C ASP C 73 19.95 -13.04 19.84
N ASP C 74 21.03 -13.56 19.28
CA ASP C 74 21.41 -14.96 19.41
C ASP C 74 21.73 -15.39 20.83
N SER C 75 22.08 -14.43 21.71
CA SER C 75 22.46 -14.73 23.07
C SER C 75 21.25 -14.87 23.98
N SER C 76 20.08 -14.40 23.53
CA SER C 76 18.87 -14.51 24.34
C SER C 76 17.79 -15.29 23.62
N ARG C 77 18.02 -15.61 22.35
CA ARG C 77 17.09 -16.36 21.52
C ARG C 77 15.85 -15.53 21.30
N THR C 78 16.03 -14.24 21.01
CA THR C 78 14.86 -13.39 20.81
C THR C 78 14.81 -12.79 19.42
N VAL C 79 13.58 -12.65 18.93
CA VAL C 79 13.31 -12.06 17.62
C VAL C 79 12.52 -10.79 17.83
N TYR C 80 12.96 -9.69 17.22
CA TYR C 80 12.32 -8.41 17.47
C TYR C 80 11.59 -7.88 16.25
N MET C 81 10.43 -7.30 16.48
CA MET C 81 9.64 -6.70 15.44
C MET C 81 9.61 -5.20 15.56
N GLU C 82 10.34 -4.51 14.70
CA GLU C 82 10.37 -3.06 14.79
C GLU C 82 9.53 -2.42 13.72
N LEU C 83 8.30 -2.12 14.03
CA LEU C 83 7.45 -1.43 13.08
C LEU C 83 7.57 0.08 13.31
N THR C 84 8.13 0.79 12.33
CA THR C 84 8.36 2.23 12.49
C THR C 84 7.28 3.04 11.79
N SER C 85 7.32 4.36 12.04
CA SER C 85 6.41 5.35 11.44
C SER C 85 4.96 4.93 11.62
N LEU C 86 4.58 4.73 12.87
CA LEU C 86 3.29 4.14 13.21
C LEU C 86 2.09 4.97 12.78
N ARG C 87 1.07 4.26 12.32
CA ARG C 87 -0.16 4.84 11.80
C ARG C 87 -1.30 4.39 12.67
N LEU C 88 -2.39 5.13 12.72
CA LEU C 88 -3.49 4.74 13.61
C LEU C 88 -4.05 3.35 13.30
N GLU C 89 -4.09 2.99 12.00
CA GLU C 89 -4.56 1.66 11.61
C GLU C 89 -3.55 0.55 11.91
N ASP C 90 -2.41 0.88 12.53
CA ASP C 90 -1.51 -0.15 13.02
C ASP C 90 -1.92 -0.68 14.40
N THR C 91 -2.95 -0.07 15.02
CA THR C 91 -3.46 -0.61 16.26
C THR C 91 -3.90 -2.05 16.04
N ALA C 92 -3.20 -2.98 16.69
CA ALA C 92 -3.45 -4.40 16.47
C ALA C 92 -2.72 -5.26 17.47
N VAL C 93 -3.02 -6.55 17.46
CA VAL C 93 -2.32 -7.50 18.31
C VAL C 93 -1.28 -8.22 17.48
N TYR C 94 -0.04 -8.10 17.86
CA TYR C 94 1.05 -8.65 17.10
C TYR C 94 1.50 -9.95 17.71
N TYR C 95 1.41 -11.02 16.97
CA TYR C 95 1.79 -12.33 17.47
C TYR C 95 3.06 -12.75 16.84
N CYS C 96 3.88 -13.49 17.56
CA CYS C 96 4.96 -14.16 16.86
C CYS C 96 4.54 -15.61 16.64
N ALA C 97 5.21 -16.29 15.74
CA ALA C 97 4.82 -17.66 15.46
C ALA C 97 5.98 -18.46 14.90
N ARG C 98 5.89 -19.77 15.01
CA ARG C 98 6.95 -20.62 14.51
C ARG C 98 6.50 -21.38 13.27
N GLY C 99 7.39 -21.51 12.30
CA GLY C 99 7.10 -22.30 11.11
C GLY C 99 6.99 -23.78 11.47
N ALA C 100 5.90 -24.41 11.06
CA ALA C 100 5.64 -25.82 11.34
C ALA C 100 6.69 -26.77 10.77
N SER C 101 7.19 -26.51 9.57
CA SER C 101 8.21 -27.40 9.06
C SER C 101 9.58 -26.92 9.49
N LYS C 102 10.55 -27.81 9.47
CA LYS C 102 11.90 -27.45 9.85
C LYS C 102 12.60 -26.78 8.70
N VAL C 103 13.64 -26.02 9.02
CA VAL C 103 14.38 -25.28 8.03
C VAL C 103 14.97 -26.16 6.94
N GLU C 104 14.69 -25.78 5.70
CA GLU C 104 15.27 -26.39 4.52
C GLU C 104 16.23 -25.41 3.85
N PRO C 105 17.56 -25.62 3.96
CA PRO C 105 18.65 -24.82 3.44
C PRO C 105 18.52 -24.49 1.95
N ALA C 106 17.95 -25.39 1.16
CA ALA C 106 17.81 -25.12 -0.27
C ALA C 106 16.57 -24.28 -0.57
N ALA C 107 15.65 -24.15 0.38
CA ALA C 107 14.40 -23.45 0.10
C ALA C 107 13.67 -23.02 1.37
N PRO C 108 14.31 -22.21 2.22
CA PRO C 108 13.77 -21.61 3.46
C PRO C 108 12.29 -21.21 3.34
N ALA C 109 11.41 -22.05 3.88
CA ALA C 109 9.97 -21.77 3.83
C ALA C 109 9.54 -20.61 4.71
N TYR C 110 9.59 -19.39 4.17
CA TYR C 110 9.07 -18.20 4.86
C TYR C 110 7.53 -18.27 4.93
N SER C 111 6.94 -19.01 3.99
CA SER C 111 5.52 -19.26 3.96
C SER C 111 5.27 -20.68 4.43
N ASP C 112 4.65 -20.80 5.58
CA ASP C 112 4.43 -22.10 6.20
C ASP C 112 3.18 -22.07 7.06
N ALA C 113 2.82 -23.24 7.59
CA ALA C 113 1.81 -23.31 8.63
C ALA C 113 2.49 -22.85 9.91
N PHE C 114 1.72 -22.37 10.88
CA PHE C 114 2.33 -21.84 12.09
C PHE C 114 2.01 -22.70 13.28
N ASP C 115 3.04 -23.37 13.76
CA ASP C 115 2.97 -24.39 14.79
C ASP C 115 2.73 -23.81 16.17
N MET C 116 3.72 -23.09 16.67
CA MET C 116 3.58 -22.48 17.97
C MET C 116 3.42 -21.00 17.82
N TRP C 117 2.72 -20.41 18.76
CA TRP C 117 2.42 -18.99 18.72
C TRP C 117 2.78 -18.33 20.04
N GLY C 118 3.13 -17.06 19.97
CA GLY C 118 3.35 -16.28 21.16
C GLY C 118 2.00 -15.86 21.72
N GLN C 119 2.01 -15.13 22.83
CA GLN C 119 0.75 -14.76 23.48
C GLN C 119 0.04 -13.58 22.81
N GLY C 120 0.72 -12.89 21.88
CA GLY C 120 0.15 -11.72 21.26
C GLY C 120 0.50 -10.45 22.06
N THR C 121 0.77 -9.37 21.35
CA THR C 121 1.11 -8.11 21.97
C THR C 121 0.23 -6.98 21.43
N LEU C 122 -0.59 -6.40 22.27
CA LEU C 122 -1.37 -5.28 21.78
C LEU C 122 -0.55 -4.03 21.67
N VAL C 123 -0.44 -3.51 20.45
CA VAL C 123 0.11 -2.19 20.24
C VAL C 123 -1.01 -1.25 19.92
N THR C 124 -1.22 -0.29 20.80
CA THR C 124 -2.23 0.73 20.55
C THR C 124 -1.54 1.96 20.01
N VAL C 125 -1.99 2.44 18.86
CA VAL C 125 -1.43 3.66 18.30
C VAL C 125 -2.46 4.77 18.41
N SER C 126 -2.09 5.83 19.12
CA SER C 126 -2.97 6.99 19.30
C SER C 126 -2.20 8.12 19.91
N SER C 127 -2.67 9.32 19.64
CA SER C 127 -2.06 10.55 20.14
C SER C 127 -2.66 10.90 21.50
N ALA C 128 -3.78 10.25 21.85
CA ALA C 128 -4.41 10.50 23.14
C ALA C 128 -3.47 10.03 24.26
N SER C 129 -3.49 10.78 25.37
CA SER C 129 -2.59 10.51 26.49
C SER C 129 -3.00 9.29 27.32
N THR C 130 -2.00 8.75 28.01
CA THR C 130 -2.15 7.55 28.85
C THR C 130 -2.75 7.91 30.22
N LYS C 131 -3.73 7.13 30.66
CA LYS C 131 -4.35 7.38 31.96
C LYS C 131 -4.57 6.13 32.80
N GLY C 132 -4.12 6.19 34.06
CA GLY C 132 -4.35 5.10 35.00
C GLY C 132 -5.80 5.11 35.49
N PRO C 133 -6.38 3.92 35.74
CA PRO C 133 -7.75 3.62 36.13
C PRO C 133 -8.08 3.97 37.57
N SER C 134 -9.38 4.14 37.83
CA SER C 134 -9.90 4.27 39.18
C SER C 134 -10.73 3.03 39.46
N VAL C 135 -10.58 2.45 40.65
CA VAL C 135 -11.31 1.22 40.93
C VAL C 135 -12.32 1.40 42.03
N PHE C 136 -13.55 0.98 41.77
CA PHE C 136 -14.64 1.15 42.71
C PHE C 136 -15.34 -0.18 42.96
N PRO C 137 -15.36 -0.66 44.20
CA PRO C 137 -15.90 -1.94 44.62
C PRO C 137 -17.38 -2.04 44.37
N LEU C 138 -17.82 -3.17 43.87
CA LEU C 138 -19.24 -3.44 43.65
C LEU C 138 -19.71 -4.40 44.73
N ALA C 139 -20.13 -3.83 45.86
CA ALA C 139 -20.48 -4.61 47.03
C ALA C 139 -21.75 -5.43 46.80
N PRO C 140 -21.80 -6.68 47.31
CA PRO C 140 -22.86 -7.68 47.17
C PRO C 140 -24.09 -7.41 48.04
N SER C 141 -25.14 -8.18 47.77
CA SER C 141 -26.36 -8.17 48.53
C SER C 141 -26.82 -9.59 48.83
N SER C 142 -28.08 -9.72 49.25
CA SER C 142 -28.66 -11.02 49.61
C SER C 142 -28.38 -12.10 48.54
N GLY C 148 -28.76 -17.62 48.83
CA GLY C 148 -27.88 -18.79 48.92
C GLY C 148 -26.50 -18.49 48.33
N THR C 149 -26.51 -17.96 47.11
CA THR C 149 -25.30 -17.62 46.38
C THR C 149 -25.31 -16.15 45.94
N ALA C 150 -24.25 -15.42 46.28
CA ALA C 150 -24.21 -13.98 46.03
C ALA C 150 -23.04 -13.62 45.11
N ALA C 151 -23.24 -12.62 44.26
CA ALA C 151 -22.18 -12.18 43.36
C ALA C 151 -21.66 -10.82 43.78
N LEU C 152 -20.36 -10.63 43.64
CA LEU C 152 -19.70 -9.37 44.00
C LEU C 152 -18.64 -9.06 42.99
N GLY C 153 -18.19 -7.82 42.93
CA GLY C 153 -17.16 -7.54 41.97
C GLY C 153 -16.45 -6.23 42.23
N CYS C 154 -15.82 -5.71 41.19
CA CYS C 154 -15.21 -4.40 41.24
C CYS C 154 -15.24 -3.78 39.86
N LEU C 155 -15.30 -2.46 39.83
CA LEU C 155 -15.39 -1.73 38.58
C LEU C 155 -14.12 -0.94 38.31
N VAL C 156 -13.54 -1.18 37.13
CA VAL C 156 -12.35 -0.45 36.68
C VAL C 156 -12.81 0.63 35.73
N LYS C 157 -12.55 1.89 36.04
CA LYS C 157 -13.16 2.91 35.23
C LYS C 157 -12.18 4.04 34.88
N ASP C 158 -12.44 4.64 33.70
CA ASP C 158 -11.69 5.78 33.18
C ASP C 158 -10.20 5.64 32.86
N TYR C 159 -9.82 4.57 32.17
CA TYR C 159 -8.43 4.45 31.77
C TYR C 159 -8.11 4.36 30.30
N PHE C 160 -6.84 4.57 29.97
CA PHE C 160 -6.43 4.49 28.57
C PHE C 160 -4.96 4.11 28.46
N PRO C 161 -4.63 3.14 27.62
CA PRO C 161 -5.46 2.35 26.72
C PRO C 161 -5.66 0.98 27.29
N GLU C 162 -6.17 0.09 26.45
CA GLU C 162 -6.18 -1.32 26.77
C GLU C 162 -4.74 -1.84 26.85
N PRO C 163 -4.51 -2.93 27.56
CA PRO C 163 -5.45 -3.76 28.31
C PRO C 163 -5.22 -3.57 29.79
N VAL C 164 -6.03 -4.25 30.60
CA VAL C 164 -5.85 -4.23 32.03
C VAL C 164 -6.02 -5.65 32.60
N THR C 165 -5.15 -6.02 33.54
CA THR C 165 -5.17 -7.34 34.15
C THR C 165 -5.99 -7.34 35.41
N VAL C 166 -6.99 -8.22 35.48
CA VAL C 166 -7.82 -8.31 36.68
C VAL C 166 -7.86 -9.73 37.25
N SER C 167 -7.54 -9.85 38.54
CA SER C 167 -7.56 -11.15 39.20
C SER C 167 -8.21 -11.06 40.59
N TRP C 168 -8.46 -12.22 41.18
CA TRP C 168 -9.11 -12.25 42.47
C TRP C 168 -8.33 -13.06 43.49
N ASN C 169 -8.05 -12.42 44.63
CA ASN C 169 -7.26 -13.03 45.70
C ASN C 169 -5.96 -13.57 45.15
N SER C 170 -5.19 -12.71 44.48
CA SER C 170 -4.01 -13.15 43.75
C SER C 170 -4.50 -14.10 42.67
N GLY C 171 -3.98 -15.31 42.61
CA GLY C 171 -4.49 -16.28 41.64
C GLY C 171 -5.40 -17.31 42.29
N ALA C 172 -5.74 -17.10 43.56
CA ALA C 172 -6.46 -18.10 44.35
C ALA C 172 -7.91 -18.25 43.93
N LEU C 173 -8.59 -17.14 43.68
CA LEU C 173 -9.99 -17.21 43.32
C LEU C 173 -10.13 -17.09 41.82
N THR C 174 -10.36 -18.23 41.20
CA THR C 174 -10.51 -18.27 39.74
C THR C 174 -11.71 -18.93 39.12
N SER C 175 -12.43 -19.70 39.93
CA SER C 175 -13.60 -20.40 39.45
C SER C 175 -14.74 -19.54 39.92
N GLY C 176 -15.71 -19.35 39.03
CA GLY C 176 -16.89 -18.52 39.27
C GLY C 176 -16.70 -17.08 38.79
N VAL C 177 -15.48 -16.72 38.39
CA VAL C 177 -15.17 -15.36 37.96
C VAL C 177 -15.50 -15.10 36.48
N HIS C 178 -16.19 -14.00 36.23
CA HIS C 178 -16.44 -13.51 34.88
C HIS C 178 -15.94 -12.08 34.76
N THR C 179 -14.87 -11.88 33.99
CA THR C 179 -14.38 -10.52 33.73
C THR C 179 -14.81 -10.10 32.33
N PHE C 180 -15.39 -8.91 32.24
CA PHE C 180 -16.04 -8.47 31.03
C PHE C 180 -15.13 -7.80 30.02
N PRO C 181 -15.57 -7.78 28.76
CA PRO C 181 -14.96 -7.04 27.66
C PRO C 181 -15.12 -5.55 27.91
N ALA C 182 -14.02 -4.82 27.77
CA ALA C 182 -14.00 -3.39 28.04
C ALA C 182 -14.84 -2.63 27.04
N VAL C 183 -15.46 -1.55 27.50
CA VAL C 183 -16.23 -0.70 26.62
C VAL C 183 -15.63 0.69 26.58
N LEU C 184 -15.49 1.23 25.38
CA LEU C 184 -14.98 2.57 25.25
C LEU C 184 -16.09 3.54 25.63
N GLN C 185 -15.81 4.37 26.61
CA GLN C 185 -16.76 5.35 27.07
C GLN C 185 -16.79 6.53 26.11
N SER C 186 -17.87 7.31 26.18
CA SER C 186 -18.00 8.52 25.38
C SER C 186 -16.85 9.54 25.61
N SER C 187 -16.23 9.46 26.78
CA SER C 187 -15.08 10.29 27.14
C SER C 187 -13.81 10.00 26.37
N GLY C 188 -13.72 8.82 25.76
CA GLY C 188 -12.51 8.39 25.09
C GLY C 188 -11.66 7.49 25.99
N LEU C 189 -12.12 7.29 27.23
CA LEU C 189 -11.47 6.39 28.17
C LEU C 189 -12.24 5.09 28.25
N TYR C 190 -11.63 4.05 28.81
CA TYR C 190 -12.25 2.73 28.90
C TYR C 190 -12.84 2.42 30.27
N SER C 191 -13.86 1.55 30.27
CA SER C 191 -14.49 1.04 31.49
C SER C 191 -14.69 -0.48 31.42
N LEU C 192 -14.27 -1.17 32.47
CA LEU C 192 -14.32 -2.63 32.55
C LEU C 192 -14.73 -3.14 33.93
N SER C 193 -15.70 -4.07 33.97
CA SER C 193 -16.13 -4.63 35.24
C SER C 193 -15.74 -6.10 35.37
N SER C 194 -15.59 -6.57 36.61
CA SER C 194 -15.30 -7.99 36.89
C SER C 194 -16.14 -8.48 38.06
N VAL C 195 -16.83 -9.60 37.88
CA VAL C 195 -17.72 -10.11 38.91
C VAL C 195 -17.41 -11.56 39.24
N VAL C 196 -17.71 -11.97 40.46
CA VAL C 196 -17.49 -13.35 40.86
C VAL C 196 -18.64 -13.89 41.71
N THR C 197 -18.99 -15.14 41.42
CA THR C 197 -20.04 -15.87 42.12
C THR C 197 -19.45 -16.63 43.31
N VAL C 198 -19.88 -16.27 44.52
CA VAL C 198 -19.41 -16.93 45.74
C VAL C 198 -20.59 -17.31 46.63
N PRO C 199 -20.41 -18.23 47.58
CA PRO C 199 -21.40 -18.63 48.57
C PRO C 199 -21.71 -17.45 49.46
N SER C 200 -22.99 -17.20 49.73
CA SER C 200 -23.34 -16.06 50.57
C SER C 200 -22.85 -16.26 52.01
N SER C 201 -22.72 -17.52 52.43
CA SER C 201 -22.21 -17.82 53.76
C SER C 201 -20.73 -17.47 53.89
N SER C 202 -20.00 -17.66 52.78
CA SER C 202 -18.55 -17.44 52.77
C SER C 202 -18.21 -15.96 52.93
N LEU C 203 -19.18 -15.08 52.67
CA LEU C 203 -18.99 -13.65 52.80
C LEU C 203 -18.56 -13.22 54.22
N GLY C 204 -18.86 -14.03 55.24
CA GLY C 204 -18.50 -13.69 56.61
C GLY C 204 -17.14 -14.21 57.04
N THR C 205 -16.50 -15.07 56.24
CA THR C 205 -15.20 -15.62 56.61
C THR C 205 -14.12 -15.30 55.58
N GLN C 206 -14.53 -15.20 54.31
CA GLN C 206 -13.62 -15.00 53.19
C GLN C 206 -13.34 -13.57 52.91
N THR C 207 -12.06 -13.28 52.70
CA THR C 207 -11.66 -11.98 52.23
C THR C 207 -11.60 -12.03 50.72
N TYR C 208 -12.32 -11.12 50.07
CA TYR C 208 -12.36 -11.06 48.62
C TYR C 208 -11.70 -9.77 48.13
N ILE C 209 -10.58 -9.93 47.43
CA ILE C 209 -9.80 -8.79 46.95
C ILE C 209 -9.66 -8.75 45.43
N CYS C 210 -10.00 -7.58 44.90
CA CYS C 210 -9.88 -7.23 43.50
C CYS C 210 -8.45 -6.79 43.19
N ASN C 211 -7.77 -7.46 42.25
CA ASN C 211 -6.40 -7.07 41.87
C ASN C 211 -6.40 -6.50 40.47
N VAL C 212 -6.06 -5.23 40.32
CA VAL C 212 -6.06 -4.57 39.01
C VAL C 212 -4.67 -4.09 38.63
N ASN C 213 -4.21 -4.42 37.41
CA ASN C 213 -2.88 -3.99 36.98
C ASN C 213 -2.89 -3.42 35.56
N HIS C 214 -2.60 -2.13 35.44
CA HIS C 214 -2.58 -1.39 34.17
C HIS C 214 -1.14 -1.02 33.77
N LYS C 215 -0.46 -1.97 33.11
CA LYS C 215 0.94 -1.82 32.71
C LYS C 215 1.27 -0.68 31.73
N PRO C 216 0.28 -0.15 30.99
CA PRO C 216 0.51 1.01 30.15
C PRO C 216 0.76 2.26 30.97
N SER C 217 0.30 2.28 32.23
CA SER C 217 0.54 3.42 33.12
C SER C 217 1.30 3.01 34.38
N ASN C 218 1.52 1.69 34.53
CA ASN C 218 2.21 1.12 35.68
C ASN C 218 1.42 1.35 36.95
N THR C 219 0.10 1.13 36.86
CA THR C 219 -0.81 1.31 37.98
C THR C 219 -1.30 -0.02 38.53
N LYS C 220 -0.97 -0.33 39.78
CA LYS C 220 -1.51 -1.56 40.37
C LYS C 220 -2.31 -1.24 41.64
N VAL C 221 -3.54 -1.75 41.68
CA VAL C 221 -4.51 -1.46 42.72
C VAL C 221 -5.14 -2.71 43.34
N ASP C 222 -5.21 -2.73 44.68
CA ASP C 222 -5.93 -3.79 45.40
C ASP C 222 -7.17 -3.21 46.09
N LYS C 223 -8.33 -3.86 45.92
CA LYS C 223 -9.54 -3.42 46.59
C LYS C 223 -10.28 -4.53 47.30
N ARG C 224 -10.44 -4.39 48.62
CA ARG C 224 -11.22 -5.34 49.37
C ARG C 224 -12.71 -5.09 49.09
N VAL C 225 -13.44 -6.15 48.79
CA VAL C 225 -14.86 -6.04 48.50
C VAL C 225 -15.69 -6.70 49.59
N GLU C 226 -16.51 -5.88 50.26
CA GLU C 226 -17.33 -6.33 51.38
C GLU C 226 -18.61 -5.52 51.39
N PRO C 227 -19.62 -5.94 52.16
CA PRO C 227 -20.92 -5.26 52.13
C PRO C 227 -21.18 -4.47 53.40
N LYS C 228 -22.33 -4.08 53.21
CA LYS C 228 -22.99 -3.25 54.23
C LYS C 228 -24.47 -3.63 54.30
N SER C 229 -25.17 -3.23 55.37
CA SER C 229 -26.59 -3.62 55.52
C SER C 229 -27.38 -3.06 56.71
N CYS C 230 -26.65 -2.54 57.69
CA CYS C 230 -27.22 -2.06 58.95
C CYS C 230 -27.94 -0.74 58.77
N HIS C 231 -29.29 -0.77 58.82
CA HIS C 231 -30.06 0.48 58.75
C HIS C 231 -31.56 0.29 59.00
N HIS C 232 -32.23 -0.46 58.13
CA HIS C 232 -33.63 -0.72 58.34
C HIS C 232 -34.30 0.60 58.09
N ASP D 1 -2.86 -12.58 -5.25
CA ASP D 1 -3.21 -12.56 -3.82
C ASP D 1 -4.34 -13.54 -3.51
N ILE D 2 -4.01 -14.69 -2.91
CA ILE D 2 -5.03 -15.71 -2.73
C ILE D 2 -6.04 -15.39 -1.63
N VAL D 3 -7.28 -15.17 -2.07
CA VAL D 3 -8.38 -14.88 -1.13
C VAL D 3 -9.03 -16.15 -0.60
N MET D 4 -9.16 -16.18 0.73
CA MET D 4 -9.76 -17.30 1.45
C MET D 4 -11.17 -16.91 1.93
N THR D 5 -12.20 -17.57 1.41
CA THR D 5 -13.58 -17.28 1.82
C THR D 5 -14.18 -18.45 2.58
N GLN D 6 -14.53 -18.22 3.83
CA GLN D 6 -15.05 -19.29 4.64
C GLN D 6 -16.57 -19.30 4.73
N SER D 7 -17.11 -20.49 4.89
CA SER D 7 -18.53 -20.71 4.98
C SER D 7 -18.87 -21.71 6.10
N PRO D 8 -19.88 -21.39 6.91
CA PRO D 8 -20.70 -20.21 7.00
C PRO D 8 -20.02 -19.16 7.86
N GLY D 9 -20.65 -18.01 8.01
CA GLY D 9 -20.12 -16.97 8.88
C GLY D 9 -20.24 -17.41 10.34
N THR D 10 -21.42 -17.95 10.68
CA THR D 10 -21.71 -18.44 12.02
C THR D 10 -22.39 -19.81 11.95
N LEU D 11 -21.94 -20.70 12.81
CA LEU D 11 -22.45 -22.05 12.89
C LEU D 11 -22.83 -22.36 14.33
N SER D 12 -24.03 -22.88 14.56
CA SER D 12 -24.50 -23.16 15.93
C SER D 12 -25.05 -24.59 16.02
N LEU D 13 -24.34 -25.43 16.77
CA LEU D 13 -24.70 -26.84 16.91
C LEU D 13 -24.57 -27.33 18.35
N SER D 14 -25.33 -28.37 18.71
CA SER D 14 -25.25 -28.90 20.07
C SER D 14 -24.14 -29.96 20.16
N PRO D 15 -23.68 -30.29 21.37
CA PRO D 15 -22.64 -31.26 21.66
C PRO D 15 -23.02 -32.62 21.12
N GLY D 16 -22.02 -33.33 20.65
CA GLY D 16 -22.22 -34.65 20.05
C GLY D 16 -22.45 -34.56 18.54
N GLU D 17 -22.81 -33.37 18.04
CA GLU D 17 -23.06 -33.23 16.61
C GLU D 17 -21.79 -33.01 15.81
N ARG D 18 -21.95 -33.11 14.51
CA ARG D 18 -20.86 -32.92 13.57
C ARG D 18 -20.89 -31.52 12.96
N ALA D 19 -19.75 -30.83 13.02
CA ALA D 19 -19.63 -29.51 12.44
C ALA D 19 -18.86 -29.58 11.13
N THR D 20 -19.39 -28.97 10.09
CA THR D 20 -18.70 -28.90 8.82
C THR D 20 -18.44 -27.46 8.42
N LEU D 21 -17.16 -27.15 8.21
CA LEU D 21 -16.72 -25.82 7.84
C LEU D 21 -16.10 -25.88 6.45
N SER D 22 -16.37 -24.86 5.64
CA SER D 22 -15.90 -24.84 4.27
C SER D 22 -15.00 -23.63 3.98
N CYS D 23 -14.04 -23.81 3.08
CA CYS D 23 -13.11 -22.76 2.68
C CYS D 23 -12.97 -22.74 1.16
N ARG D 24 -13.19 -21.57 0.56
CA ARG D 24 -13.11 -21.37 -0.89
C ARG D 24 -11.96 -20.45 -1.29
N THR D 25 -11.08 -20.91 -2.18
CA THR D 25 -9.94 -20.07 -2.53
C THR D 25 -10.03 -19.50 -3.94
N SER D 26 -9.46 -18.30 -4.14
CA SER D 26 -9.46 -17.63 -5.44
C SER D 26 -8.56 -18.33 -6.48
N GLN D 27 -7.52 -19.03 -6.02
CA GLN D 27 -6.64 -19.78 -6.91
C GLN D 27 -6.67 -21.24 -6.55
N GLY D 28 -6.31 -22.10 -7.49
CA GLY D 28 -6.17 -23.49 -7.13
C GLY D 28 -4.97 -23.60 -6.21
N VAL D 29 -5.19 -24.12 -5.02
CA VAL D 29 -4.16 -24.27 -4.00
C VAL D 29 -3.84 -25.74 -3.83
N SER D 30 -2.56 -26.09 -3.85
CA SER D 30 -2.24 -27.48 -3.63
C SER D 30 -2.61 -27.86 -2.22
N SER D 31 -3.20 -29.03 -2.09
CA SER D 31 -3.66 -29.53 -0.81
C SER D 31 -2.52 -29.81 0.17
N SER D 32 -1.27 -29.77 -0.29
CA SER D 32 -0.16 -29.93 0.62
C SER D 32 0.29 -28.57 1.23
N TYR D 33 -0.41 -27.48 0.89
CA TYR D 33 -0.07 -26.17 1.44
C TYR D 33 -1.39 -25.54 1.88
N LEU D 34 -2.04 -26.14 2.87
CA LEU D 34 -3.21 -25.50 3.44
C LEU D 34 -3.37 -25.94 4.92
N ALA D 35 -3.69 -24.99 5.77
CA ALA D 35 -3.77 -25.23 7.20
C ALA D 35 -5.09 -24.73 7.81
N TRP D 36 -5.45 -25.30 8.96
CA TRP D 36 -6.60 -24.87 9.74
C TRP D 36 -6.20 -24.52 11.17
N TYR D 37 -6.79 -23.44 11.71
CA TYR D 37 -6.49 -22.96 13.05
C TYR D 37 -7.75 -22.79 13.90
N GLN D 38 -7.56 -22.90 15.21
CA GLN D 38 -8.61 -22.62 16.18
C GLN D 38 -8.24 -21.42 17.03
N GLN D 39 -9.13 -20.48 17.22
CA GLN D 39 -8.81 -19.39 18.13
C GLN D 39 -9.94 -19.12 19.11
N LYS D 40 -9.68 -19.45 20.37
CA LYS D 40 -10.63 -19.22 21.45
C LYS D 40 -10.44 -17.80 21.95
N PRO D 41 -11.52 -17.04 22.13
CA PRO D 41 -11.53 -15.62 22.56
C PRO D 41 -10.35 -15.24 23.48
N GLY D 42 -9.41 -14.47 22.95
CA GLY D 42 -8.27 -13.96 23.74
C GLY D 42 -6.97 -14.75 23.58
N GLN D 43 -7.07 -15.97 23.07
CA GLN D 43 -5.93 -16.86 22.87
C GLN D 43 -5.22 -16.60 21.56
N ALA D 44 -4.07 -17.23 21.40
CA ALA D 44 -3.38 -17.29 20.13
C ALA D 44 -3.99 -18.43 19.33
N PRO D 45 -3.86 -18.43 18.00
CA PRO D 45 -4.36 -19.48 17.14
C PRO D 45 -3.64 -20.79 17.41
N ARG D 46 -4.40 -21.88 17.47
CA ARG D 46 -3.84 -23.20 17.66
C ARG D 46 -3.88 -23.96 16.36
N LEU D 47 -2.73 -24.45 15.94
CA LEU D 47 -2.69 -25.19 14.69
C LEU D 47 -3.42 -26.50 14.84
N LEU D 48 -4.45 -26.67 14.05
CA LEU D 48 -5.21 -27.90 14.07
C LEU D 48 -4.70 -28.82 12.98
N ILE D 49 -4.74 -28.29 11.76
CA ILE D 49 -4.41 -29.03 10.55
C ILE D 49 -3.32 -28.33 9.75
N SER D 50 -2.42 -29.12 9.20
CA SER D 50 -1.43 -28.62 8.25
C SER D 50 -1.46 -29.57 7.06
N GLY D 51 -0.97 -29.17 5.89
CA GLY D 51 -0.99 -30.08 4.74
C GLY D 51 -2.41 -30.61 4.42
N SER D 52 -3.43 -29.75 4.61
CA SER D 52 -4.88 -29.97 4.43
C SER D 52 -5.53 -31.06 5.28
N SER D 53 -4.90 -32.24 5.39
CA SER D 53 -5.46 -33.30 6.21
C SER D 53 -4.52 -33.86 7.27
N SER D 54 -3.34 -33.27 7.44
CA SER D 54 -2.42 -33.79 8.42
C SER D 54 -2.68 -33.14 9.77
N ARG D 55 -2.96 -33.96 10.75
CA ARG D 55 -3.31 -33.46 12.06
C ARG D 55 -2.07 -33.06 12.84
N ALA D 56 -2.14 -31.91 13.50
CA ALA D 56 -1.02 -31.40 14.29
C ALA D 56 -0.90 -32.14 15.62
N THR D 57 0.31 -32.09 16.20
CA THR D 57 0.58 -32.76 17.46
C THR D 57 -0.26 -32.17 18.57
N GLY D 58 -0.96 -33.04 19.30
CA GLY D 58 -1.80 -32.60 20.39
C GLY D 58 -3.21 -32.23 19.94
N ILE D 59 -3.59 -32.62 18.72
CA ILE D 59 -4.94 -32.38 18.24
C ILE D 59 -5.76 -33.69 18.26
N PRO D 60 -7.00 -33.65 18.75
CA PRO D 60 -7.97 -34.75 18.80
C PRO D 60 -8.37 -35.24 17.42
N ASP D 61 -8.58 -36.55 17.31
CA ASP D 61 -8.94 -37.17 16.03
C ASP D 61 -10.35 -36.85 15.54
N ARG D 62 -11.16 -36.18 16.37
CA ARG D 62 -12.46 -35.72 15.88
C ARG D 62 -12.27 -34.59 14.88
N PHE D 63 -11.09 -33.96 14.86
CA PHE D 63 -10.78 -32.93 13.89
C PHE D 63 -10.26 -33.56 12.59
N SER D 64 -11.01 -33.40 11.51
CA SER D 64 -10.65 -33.96 10.22
C SER D 64 -10.49 -32.87 9.15
N GLY D 65 -9.45 -32.99 8.35
CA GLY D 65 -9.23 -32.02 7.28
C GLY D 65 -9.36 -32.67 5.90
N SER D 66 -9.94 -31.93 4.95
CA SER D 66 -10.06 -32.40 3.57
C SER D 66 -10.00 -31.28 2.56
N GLY D 67 -10.15 -31.65 1.29
CA GLY D 67 -10.20 -30.67 0.20
C GLY D 67 -9.11 -30.77 -0.85
N SER D 68 -9.32 -30.02 -1.93
CA SER D 68 -8.36 -29.89 -3.03
C SER D 68 -8.72 -28.72 -3.92
N GLY D 69 -7.72 -28.16 -4.60
CA GLY D 69 -7.97 -27.10 -5.56
C GLY D 69 -8.53 -25.93 -4.76
N ARG D 70 -9.74 -25.51 -5.07
CA ARG D 70 -10.30 -24.38 -4.37
C ARG D 70 -11.31 -24.69 -3.30
N ASP D 71 -11.60 -25.98 -3.10
CA ASP D 71 -12.64 -26.34 -2.15
C ASP D 71 -12.08 -27.18 -1.01
N PHE D 72 -12.04 -26.58 0.18
CA PHE D 72 -11.48 -27.23 1.35
C PHE D 72 -12.47 -27.35 2.51
N THR D 73 -12.25 -28.35 3.37
CA THR D 73 -13.18 -28.66 4.44
C THR D 73 -12.54 -28.99 5.80
N LEU D 74 -13.17 -28.51 6.88
CA LEU D 74 -12.82 -28.90 8.25
C LEU D 74 -14.03 -29.55 8.87
N THR D 75 -13.87 -30.76 9.38
CA THR D 75 -14.95 -31.47 10.02
C THR D 75 -14.64 -31.75 11.49
N ILE D 76 -15.60 -31.45 12.36
CA ILE D 76 -15.43 -31.75 13.78
C ILE D 76 -16.47 -32.81 14.14
N SER D 77 -16.01 -34.05 14.27
CA SER D 77 -16.91 -35.19 14.37
C SER D 77 -17.86 -35.16 15.57
N ARG D 78 -17.33 -34.85 16.76
CA ARG D 78 -18.13 -34.89 17.99
C ARG D 78 -17.94 -33.65 18.83
N LEU D 79 -18.82 -32.67 18.64
CA LEU D 79 -18.67 -31.40 19.35
C LEU D 79 -18.72 -31.49 20.87
N GLU D 80 -17.84 -30.73 21.49
CA GLU D 80 -17.82 -30.53 22.93
C GLU D 80 -18.07 -29.04 23.20
N PRO D 81 -18.39 -28.63 24.42
CA PRO D 81 -18.59 -27.24 24.86
C PRO D 81 -17.31 -26.45 24.76
N GLU D 82 -16.19 -27.18 24.75
CA GLU D 82 -14.85 -26.65 24.59
C GLU D 82 -14.50 -26.23 23.15
N ASP D 83 -15.32 -26.66 22.17
CA ASP D 83 -15.05 -26.37 20.78
C ASP D 83 -15.63 -25.02 20.32
N SER D 84 -16.16 -24.22 21.25
CA SER D 84 -16.76 -22.83 20.99
C SER D 84 -15.59 -21.95 20.64
N ALA D 85 -15.26 -21.78 19.36
CA ALA D 85 -14.18 -20.86 19.02
C ALA D 85 -14.35 -20.42 17.52
N VAL D 86 -13.43 -19.59 17.07
CA VAL D 86 -13.41 -19.16 15.69
C VAL D 86 -12.43 -20.03 14.93
N TYR D 87 -12.81 -20.46 13.75
CA TYR D 87 -11.91 -21.29 12.98
C TYR D 87 -11.40 -20.56 11.73
N TYR D 88 -10.13 -20.80 11.39
CA TYR D 88 -9.50 -20.13 10.27
C TYR D 88 -8.83 -21.11 9.31
N CYS D 89 -8.93 -20.83 8.01
CA CYS D 89 -8.09 -21.55 7.03
C CYS D 89 -6.95 -20.65 6.57
N GLN D 90 -5.86 -21.28 6.15
CA GLN D 90 -4.67 -20.59 5.66
C GLN D 90 -4.03 -21.30 4.48
N GLN D 91 -3.62 -20.54 3.48
CA GLN D 91 -2.85 -21.15 2.40
C GLN D 91 -1.41 -20.69 2.53
N TYR D 92 -0.48 -21.58 2.25
CA TYR D 92 0.92 -21.21 2.29
C TYR D 92 1.74 -21.53 1.04
N ALA D 93 1.01 -21.72 -0.07
CA ALA D 93 1.58 -21.86 -1.39
C ALA D 93 2.28 -20.60 -1.88
N THR D 94 1.71 -19.43 -1.49
CA THR D 94 2.34 -18.10 -1.68
C THR D 94 2.45 -17.51 -0.29
N SER D 95 2.83 -16.24 -0.19
CA SER D 95 2.91 -15.58 1.13
C SER D 95 1.56 -15.75 1.86
N PRO D 96 1.58 -16.38 3.03
CA PRO D 96 0.45 -16.78 3.86
C PRO D 96 -0.76 -15.86 3.87
N THR D 97 -1.92 -16.39 3.52
CA THR D 97 -3.17 -15.64 3.65
C THR D 97 -4.20 -16.48 4.40
N PHE D 98 -5.07 -15.78 5.14
CA PHE D 98 -6.03 -16.41 6.04
C PHE D 98 -7.46 -16.01 5.72
N GLY D 99 -8.43 -16.80 6.16
CA GLY D 99 -9.84 -16.47 5.95
C GLY D 99 -10.40 -15.42 6.91
N GLN D 100 -11.69 -15.12 6.77
CA GLN D 100 -12.35 -14.14 7.63
C GLN D 100 -12.81 -14.79 8.94
N GLY D 101 -12.85 -16.12 8.97
CA GLY D 101 -13.20 -16.85 10.17
C GLY D 101 -14.64 -17.38 10.19
N THR D 102 -14.82 -18.52 10.87
CA THR D 102 -16.14 -19.11 11.13
C THR D 102 -16.36 -19.21 12.64
N ARG D 103 -17.43 -18.59 13.13
CA ARG D 103 -17.70 -18.62 14.56
C ARG D 103 -18.57 -19.80 14.90
N VAL D 104 -18.04 -20.73 15.68
CA VAL D 104 -18.83 -21.88 16.10
C VAL D 104 -19.35 -21.74 17.53
N GLU D 105 -20.67 -21.77 17.65
CA GLU D 105 -21.37 -21.74 18.92
C GLU D 105 -21.84 -23.12 19.30
N ILE D 106 -21.69 -23.46 20.57
CA ILE D 106 -22.20 -24.73 21.07
C ILE D 106 -23.56 -24.51 21.71
N LYS D 107 -24.52 -25.37 21.40
CA LYS D 107 -25.84 -25.19 21.98
C LYS D 107 -25.95 -25.72 23.39
N ARG D 108 -26.84 -25.09 24.14
CA ARG D 108 -27.07 -25.39 25.53
C ARG D 108 -28.55 -25.30 25.89
N THR D 109 -28.98 -26.12 26.84
CA THR D 109 -30.36 -26.04 27.32
C THR D 109 -30.63 -24.65 27.85
N VAL D 110 -31.71 -24.03 27.36
CA VAL D 110 -32.02 -22.64 27.70
C VAL D 110 -31.85 -22.37 29.18
N ALA D 111 -31.00 -21.39 29.48
CA ALA D 111 -30.67 -21.04 30.85
C ALA D 111 -31.04 -19.59 31.13
N ALA D 112 -31.82 -19.38 32.19
CA ALA D 112 -32.19 -18.04 32.60
C ALA D 112 -31.02 -17.35 33.29
N PRO D 113 -30.93 -16.03 33.20
CA PRO D 113 -29.92 -15.18 33.81
C PRO D 113 -30.16 -15.03 35.29
N SER D 114 -29.11 -15.20 36.06
CA SER D 114 -29.15 -14.90 37.48
C SER D 114 -28.88 -13.40 37.61
N VAL D 115 -29.90 -12.63 37.96
CA VAL D 115 -29.76 -11.18 37.86
C VAL D 115 -29.36 -10.52 39.18
N PHE D 116 -28.36 -9.62 39.11
CA PHE D 116 -27.87 -8.87 40.27
C PHE D 116 -27.82 -7.38 39.97
N ILE D 117 -27.90 -6.54 40.99
CA ILE D 117 -27.78 -5.09 40.77
C ILE D 117 -26.91 -4.43 41.82
N PHE D 118 -26.07 -3.52 41.37
CA PHE D 118 -25.12 -2.86 42.25
C PHE D 118 -25.26 -1.34 42.16
N PRO D 119 -25.33 -0.64 43.29
CA PRO D 119 -25.28 0.79 43.43
C PRO D 119 -23.86 1.28 43.32
N PRO D 120 -23.66 2.56 43.05
CA PRO D 120 -22.38 3.25 43.03
C PRO D 120 -21.86 3.32 44.44
N SER D 121 -20.55 3.18 44.58
CA SER D 121 -19.95 3.24 45.89
C SER D 121 -19.84 4.67 46.32
N ASP D 122 -19.76 4.88 47.64
CA ASP D 122 -19.57 6.20 48.19
C ASP D 122 -18.29 6.81 47.65
N GLU D 123 -17.24 5.97 47.57
CA GLU D 123 -15.95 6.35 47.00
C GLU D 123 -16.10 6.92 45.59
N GLN D 124 -16.87 6.23 44.74
CA GLN D 124 -17.10 6.71 43.39
C GLN D 124 -17.90 7.99 43.37
N LEU D 125 -18.97 8.05 44.15
CA LEU D 125 -19.87 9.19 44.19
C LEU D 125 -19.13 10.47 44.53
N LYS D 126 -18.12 10.37 45.41
CA LYS D 126 -17.24 11.49 45.76
C LYS D 126 -16.51 12.13 44.55
N SER D 127 -16.42 11.44 43.41
CA SER D 127 -15.78 11.95 42.20
C SER D 127 -16.71 12.82 41.35
N GLY D 128 -18.02 12.72 41.58
CA GLY D 128 -19.00 13.41 40.75
C GLY D 128 -19.75 12.47 39.80
N THR D 129 -19.35 11.19 39.73
CA THR D 129 -20.02 10.21 38.86
C THR D 129 -20.79 9.14 39.64
N ALA D 130 -21.93 8.73 39.11
CA ALA D 130 -22.72 7.66 39.73
C ALA D 130 -23.04 6.54 38.75
N SER D 131 -22.19 5.54 38.65
CA SER D 131 -22.45 4.45 37.72
C SER D 131 -23.17 3.30 38.42
N VAL D 132 -24.17 2.74 37.76
CA VAL D 132 -24.99 1.70 38.35
C VAL D 132 -24.86 0.43 37.51
N VAL D 133 -24.62 -0.71 38.15
CA VAL D 133 -24.32 -1.94 37.42
C VAL D 133 -25.37 -3.01 37.52
N CYS D 134 -25.61 -3.70 36.43
CA CYS D 134 -26.52 -4.83 36.45
C CYS D 134 -25.87 -6.03 35.80
N LEU D 135 -25.92 -7.15 36.48
CA LEU D 135 -25.33 -8.37 35.98
C LEU D 135 -26.35 -9.42 35.66
N LEU D 136 -26.28 -9.94 34.45
CA LEU D 136 -27.05 -11.09 34.05
C LEU D 136 -26.07 -12.24 34.01
N ASN D 137 -26.22 -13.23 34.87
CA ASN D 137 -25.16 -14.20 34.95
C ASN D 137 -25.55 -15.61 34.45
N ASN D 138 -24.64 -16.23 33.71
CA ASN D 138 -24.72 -17.61 33.22
C ASN D 138 -25.97 -18.07 32.46
N PHE D 139 -26.31 -17.35 31.40
CA PHE D 139 -27.48 -17.65 30.61
C PHE D 139 -27.27 -18.09 29.15
N TYR D 140 -28.33 -18.64 28.56
CA TYR D 140 -28.30 -19.10 27.17
C TYR D 140 -29.70 -19.08 26.57
N PRO D 141 -29.89 -18.51 25.39
CA PRO D 141 -28.97 -17.88 24.43
C PRO D 141 -28.49 -16.51 24.83
N ARG D 142 -27.53 -16.01 24.07
CA ARG D 142 -26.94 -14.68 24.27
C ARG D 142 -27.95 -13.54 24.20
N GLU D 143 -29.03 -13.71 23.44
CA GLU D 143 -30.04 -12.66 23.33
C GLU D 143 -30.68 -12.34 24.68
N ALA D 144 -30.61 -11.07 25.08
CA ALA D 144 -31.20 -10.63 26.34
C ALA D 144 -31.48 -9.13 26.31
N LYS D 145 -32.56 -8.71 26.95
CA LYS D 145 -32.89 -7.29 26.99
C LYS D 145 -32.70 -6.71 28.37
N VAL D 146 -32.00 -5.58 28.46
CA VAL D 146 -31.78 -4.90 29.73
C VAL D 146 -32.33 -3.46 29.70
N GLN D 147 -33.23 -3.17 30.64
CA GLN D 147 -33.82 -1.83 30.73
C GLN D 147 -33.57 -1.16 32.08
N TRP D 148 -33.09 0.08 32.05
CA TRP D 148 -32.84 0.83 33.28
C TRP D 148 -33.94 1.80 33.61
N LYS D 149 -34.44 1.73 34.85
CA LYS D 149 -35.51 2.59 35.30
C LYS D 149 -35.07 3.44 36.49
N VAL D 150 -35.25 4.75 36.37
CA VAL D 150 -34.90 5.66 37.45
C VAL D 150 -36.16 6.38 37.96
N ASP D 151 -36.63 5.95 39.14
CA ASP D 151 -37.93 6.29 39.68
C ASP D 151 -39.01 5.78 38.74
N ASN D 152 -38.82 4.54 38.26
CA ASN D 152 -39.72 3.87 37.31
C ASN D 152 -39.80 4.58 35.96
N ALA D 153 -38.69 5.15 35.50
CA ALA D 153 -38.66 5.87 34.22
C ALA D 153 -37.53 5.36 33.32
N LEU D 154 -37.89 4.86 32.15
CA LEU D 154 -36.90 4.27 31.25
C LEU D 154 -35.86 5.25 30.78
N GLN D 155 -34.61 4.94 31.07
CA GLN D 155 -33.46 5.70 30.64
C GLN D 155 -32.96 5.20 29.30
N SER D 156 -32.22 6.04 28.60
CA SER D 156 -31.64 5.67 27.32
C SER D 156 -30.61 6.70 26.89
N GLY D 157 -29.53 6.24 26.28
CA GLY D 157 -28.44 7.11 25.84
C GLY D 157 -27.35 7.24 26.91
N ASN D 158 -27.49 6.50 28.01
CA ASN D 158 -26.54 6.52 29.12
C ASN D 158 -26.07 5.10 29.47
N SER D 159 -26.83 4.10 29.01
CA SER D 159 -26.56 2.70 29.29
C SER D 159 -25.66 1.84 28.38
N GLN D 160 -24.38 1.69 28.74
CA GLN D 160 -23.46 0.92 27.92
C GLN D 160 -23.45 -0.54 28.38
N GLU D 161 -23.04 -1.47 27.53
CA GLU D 161 -22.95 -2.85 28.00
C GLU D 161 -22.00 -3.72 27.20
N SER D 162 -21.57 -4.84 27.80
CA SER D 162 -20.80 -5.84 27.07
C SER D 162 -21.13 -7.23 27.57
N VAL D 163 -20.77 -8.23 26.77
CA VAL D 163 -21.10 -9.62 27.02
C VAL D 163 -19.87 -10.48 26.87
N THR D 164 -19.70 -11.45 27.76
CA THR D 164 -18.55 -12.34 27.66
C THR D 164 -18.81 -13.37 26.58
N GLU D 165 -17.75 -13.96 26.04
CA GLU D 165 -17.94 -14.97 25.03
C GLU D 165 -18.31 -16.28 25.67
N GLN D 166 -18.94 -17.14 24.88
CA GLN D 166 -19.42 -18.41 25.35
C GLN D 166 -18.40 -19.18 26.18
N ASP D 167 -18.81 -19.57 27.40
CA ASP D 167 -17.94 -20.32 28.30
C ASP D 167 -17.54 -21.67 27.70
N SER D 168 -16.25 -21.96 27.71
CA SER D 168 -15.74 -23.20 27.14
C SER D 168 -16.04 -24.47 27.96
N LYS D 169 -16.67 -24.35 29.14
CA LYS D 169 -17.04 -25.52 29.91
C LYS D 169 -18.55 -25.70 30.09
N ASP D 170 -19.28 -24.59 30.25
CA ASP D 170 -20.70 -24.71 30.49
C ASP D 170 -21.51 -23.99 29.42
N SER D 171 -20.85 -23.43 28.41
CA SER D 171 -21.51 -22.83 27.25
C SER D 171 -22.47 -21.65 27.53
N THR D 172 -22.36 -21.01 28.70
CA THR D 172 -23.22 -19.87 28.99
C THR D 172 -22.56 -18.52 28.73
N TYR D 173 -23.40 -17.49 28.76
CA TYR D 173 -22.99 -16.11 28.56
C TYR D 173 -23.27 -15.29 29.80
N SER D 174 -22.64 -14.13 29.90
CA SER D 174 -22.93 -13.22 31.00
C SER D 174 -22.91 -11.78 30.47
N LEU D 175 -23.67 -10.87 31.11
CA LEU D 175 -23.81 -9.52 30.58
C LEU D 175 -23.68 -8.42 31.64
N SER D 176 -22.85 -7.43 31.35
CA SER D 176 -22.62 -6.28 32.22
C SER D 176 -23.21 -5.02 31.67
N SER D 177 -24.23 -4.47 32.34
CA SER D 177 -24.84 -3.23 31.89
C SER D 177 -24.53 -2.10 32.86
N THR D 178 -24.12 -0.96 32.31
CA THR D 178 -23.73 0.16 33.15
C THR D 178 -24.49 1.44 32.84
N LEU D 179 -25.34 1.83 33.77
CA LEU D 179 -26.08 3.07 33.71
C LEU D 179 -25.23 4.18 34.30
N THR D 180 -24.74 5.08 33.47
CA THR D 180 -23.87 6.11 34.01
C THR D 180 -24.61 7.42 34.12
N LEU D 181 -24.81 7.86 35.35
CA LEU D 181 -25.45 9.12 35.64
C LEU D 181 -24.41 10.02 36.29
N SER D 182 -24.75 11.28 36.53
CA SER D 182 -23.88 12.09 37.35
C SER D 182 -24.34 11.93 38.78
N LYS D 183 -23.48 12.27 39.73
CA LYS D 183 -23.83 12.27 41.16
C LYS D 183 -25.07 13.11 41.38
N ALA D 184 -25.04 14.32 40.81
CA ALA D 184 -26.13 15.28 40.91
C ALA D 184 -27.44 14.69 40.39
N ASP D 185 -27.40 13.99 39.27
CA ASP D 185 -28.62 13.41 38.72
C ASP D 185 -29.05 12.20 39.52
N TYR D 186 -28.11 11.41 39.99
CA TYR D 186 -28.36 10.26 40.84
C TYR D 186 -29.16 10.71 42.07
N GLU D 187 -28.74 11.83 42.67
CA GLU D 187 -29.36 12.40 43.86
C GLU D 187 -30.71 13.11 43.66
N LYS D 188 -31.20 13.13 42.42
CA LYS D 188 -32.53 13.66 42.17
C LYS D 188 -33.56 12.54 42.30
N HIS D 189 -33.09 11.30 42.38
CA HIS D 189 -33.95 10.14 42.33
C HIS D 189 -33.64 9.19 43.44
N LYS D 190 -34.48 8.17 43.62
CA LYS D 190 -34.22 7.21 44.67
C LYS D 190 -34.50 5.77 44.29
N VAL D 191 -35.18 5.50 43.19
CA VAL D 191 -35.42 4.11 42.85
C VAL D 191 -34.68 3.68 41.59
N TYR D 192 -33.80 2.69 41.70
CA TYR D 192 -33.03 2.24 40.55
C TYR D 192 -33.28 0.76 40.24
N ALA D 193 -33.79 0.49 39.03
CA ALA D 193 -34.13 -0.89 38.68
C ALA D 193 -33.55 -1.34 37.33
N CYS D 194 -33.30 -2.65 37.25
CA CYS D 194 -32.80 -3.32 36.07
C CYS D 194 -33.78 -4.42 35.62
N GLU D 195 -34.41 -4.23 34.47
CA GLU D 195 -35.35 -5.22 33.96
C GLU D 195 -34.72 -6.11 32.90
N VAL D 196 -34.86 -7.41 33.09
CA VAL D 196 -34.29 -8.41 32.21
C VAL D 196 -35.34 -9.27 31.51
N THR D 197 -35.30 -9.31 30.18
CA THR D 197 -36.18 -10.20 29.41
C THR D 197 -35.33 -11.27 28.76
N HIS D 198 -35.77 -12.52 28.85
CA HIS D 198 -34.97 -13.62 28.34
C HIS D 198 -35.80 -14.87 28.06
N GLN D 199 -35.29 -15.71 27.15
CA GLN D 199 -35.91 -16.96 26.72
C GLN D 199 -36.21 -17.94 27.85
N GLY D 200 -35.37 -17.96 28.87
CA GLY D 200 -35.54 -18.84 30.03
C GLY D 200 -36.47 -18.24 31.09
N LEU D 201 -37.06 -17.09 30.79
CA LEU D 201 -37.97 -16.42 31.70
C LEU D 201 -39.40 -16.45 31.16
N SER D 202 -40.30 -17.08 31.90
CA SER D 202 -41.72 -17.10 31.53
C SER D 202 -42.32 -15.68 31.61
N SER D 203 -41.72 -14.84 32.46
CA SER D 203 -42.04 -13.43 32.53
C SER D 203 -40.78 -12.66 32.89
N PRO D 204 -40.70 -11.37 32.56
CA PRO D 204 -39.57 -10.47 32.80
C PRO D 204 -39.24 -10.33 34.29
N VAL D 205 -37.95 -10.15 34.56
CA VAL D 205 -37.40 -10.06 35.92
C VAL D 205 -36.89 -8.66 36.24
N THR D 206 -37.25 -8.15 37.42
CA THR D 206 -36.76 -6.82 37.79
C THR D 206 -36.01 -6.85 39.11
N LYS D 207 -34.78 -6.32 39.10
CA LYS D 207 -34.01 -6.17 40.32
C LYS D 207 -33.84 -4.71 40.62
N SER D 208 -33.75 -4.34 41.89
CA SER D 208 -33.66 -2.93 42.21
C SER D 208 -33.07 -2.63 43.56
N PHE D 209 -32.74 -1.36 43.76
CA PHE D 209 -32.32 -0.85 45.05
C PHE D 209 -32.86 0.55 45.22
N ASN D 210 -32.91 1.00 46.46
CA ASN D 210 -33.42 2.32 46.74
C ASN D 210 -32.34 3.15 47.38
N ARG D 211 -32.43 4.48 47.19
CA ARG D 211 -31.50 5.50 47.72
C ARG D 211 -30.33 5.69 46.75
N GLY D 212 -29.81 6.91 46.78
CA GLY D 212 -30.64 8.06 46.52
C GLY D 212 -29.88 9.16 45.81
#